data_5JWR
#
_entry.id   5JWR
#
_cell.length_a   74.595
_cell.length_b   79.105
_cell.length_c   80.838
_cell.angle_alpha   107.27
_cell.angle_beta   90.71
_cell.angle_gamma   111.20
#
_symmetry.space_group_name_H-M   'P 1'
#
loop_
_entity.id
_entity.type
_entity.pdbx_description
1 polymer 'Circadian clock protein kinase KaiC'
2 polymer 'Circadian clock protein KaiB'
3 polymer 'Circadian clock protein KaiA'
4 non-polymer 'PHOSPHATE ION'
5 water water
#
loop_
_entity_poly.entity_id
_entity_poly.type
_entity_poly.pdbx_seq_one_letter_code
_entity_poly.pdbx_strand_id
1 'polypeptide(L)'
;DYKDDDDKAEVKKIPTMIEGFDDISHGGLPQGATTLVSGTSGTGKTLFAVQFLYNGITIFNEPGIFVTFEESPQDIIKNA
LSFGWNLQSLIDQGKLFILDASPDPDGQEVAGDFDLSALIERIQYAIRKYKATRVSIDSVTAVFQQYDAASVVRREIFRL
AFRLAQLGVTTIMTTERVDEYGPVARFGVEEFVSDNVVILRNVLEGERRRRTVEILKLRGTTHMKGEYPFTINNGINIFD
YKDDDDK
;
A,C
2 'polypeptide(L)'
;MAPLRKTAVLKLYVAGNTPNSVRALKTLNNILEKEFKGVYALKVIDVLKNPQLAEEDKILATPTLAKVLPPPVRRIIGDL
SNREKVLIALRLLAEEIGD
;
B,D
3 'polypeptide(L)'
;DYKDDDDKSNVDPQHRLSQKLKERLGYLGVYYKRDTAFFFRRMSPADKRKLLDELRSIYRTIVLEYFNTDAKVNERIDEF
VSKAFFADISVSQVLEIHVELMDTFSKQLKLEGRSEDILLDYRLTLIDVIAHLSEMYRRSIPREV
;
E,F,G,H
#
# COMPACT_ATOMS: atom_id res chain seq x y z
N GLU A 10 10.56 -8.34 -10.76
CA GLU A 10 10.91 -7.72 -9.48
C GLU A 10 9.67 -7.66 -8.60
N VAL A 11 8.51 -7.84 -9.21
CA VAL A 11 7.28 -8.04 -8.43
C VAL A 11 6.99 -9.54 -8.35
N LYS A 12 6.64 -10.00 -7.17
CA LYS A 12 6.37 -11.42 -6.94
C LYS A 12 4.89 -11.76 -6.98
N LYS A 13 4.60 -12.99 -7.40
CA LYS A 13 3.23 -13.43 -7.61
C LYS A 13 2.94 -14.70 -6.81
N ILE A 14 1.68 -14.87 -6.41
CA ILE A 14 1.27 -16.09 -5.73
C ILE A 14 0.35 -16.90 -6.65
N PRO A 15 0.55 -18.23 -6.66
CA PRO A 15 -0.16 -19.15 -7.55
C PRO A 15 -1.65 -19.31 -7.20
N THR A 16 -2.51 -19.04 -8.18
CA THR A 16 -3.95 -19.22 -8.02
C THR A 16 -4.36 -20.69 -8.14
N MET A 17 -3.53 -21.48 -8.81
CA MET A 17 -3.81 -22.89 -9.10
C MET A 17 -5.06 -23.08 -9.94
N ILE A 18 -5.62 -21.98 -10.44
CA ILE A 18 -6.69 -22.07 -11.42
C ILE A 18 -6.09 -22.50 -12.74
N GLU A 19 -6.62 -23.59 -13.28
CA GLU A 19 -6.01 -24.30 -14.40
C GLU A 19 -5.73 -23.40 -15.59
N GLY A 20 -4.46 -23.16 -15.86
CA GLY A 20 -4.04 -22.36 -17.01
C GLY A 20 -3.79 -20.88 -16.75
N PHE A 21 -4.18 -20.38 -15.58
CA PHE A 21 -4.06 -18.96 -15.28
C PHE A 21 -2.66 -18.52 -14.89
N ASP A 22 -1.96 -19.36 -14.12
CA ASP A 22 -0.61 -19.01 -13.67
C ASP A 22 0.36 -19.01 -14.86
N ASP A 23 -0.08 -19.58 -15.97
CA ASP A 23 0.74 -19.61 -17.17
C ASP A 23 0.55 -18.37 -18.04
N ILE A 24 -0.72 -17.97 -18.24
CA ILE A 24 -1.01 -16.77 -19.02
C ILE A 24 -0.62 -15.52 -18.25
N SER A 25 -0.46 -15.65 -16.95
CA SER A 25 -0.10 -14.52 -16.09
C SER A 25 1.33 -14.62 -15.61
N HIS A 26 2.04 -15.63 -16.11
CA HIS A 26 3.45 -15.85 -15.79
C HIS A 26 3.71 -15.97 -14.29
N GLY A 27 2.86 -16.72 -13.59
CA GLY A 27 3.06 -16.98 -12.18
C GLY A 27 1.83 -16.89 -11.31
N GLY A 28 0.86 -16.05 -11.70
CA GLY A 28 -0.34 -15.86 -10.91
C GLY A 28 -0.65 -14.40 -10.64
N LEU A 29 -1.15 -14.12 -9.44
CA LEU A 29 -1.55 -12.77 -9.06
C LEU A 29 -0.48 -12.07 -8.25
N PRO A 30 -0.27 -10.76 -8.52
CA PRO A 30 0.69 -9.94 -7.78
C PRO A 30 0.44 -9.95 -6.28
N GLN A 31 1.40 -10.49 -5.53
CA GLN A 31 1.29 -10.60 -4.08
C GLN A 31 1.20 -9.22 -3.44
N GLY A 32 0.42 -9.11 -2.37
CA GLY A 32 0.30 -7.86 -1.64
C GLY A 32 -0.34 -6.74 -2.46
N ALA A 33 -1.12 -7.11 -3.47
CA ALA A 33 -1.78 -6.11 -4.31
C ALA A 33 -3.23 -6.49 -4.60
N THR A 34 -3.93 -5.60 -5.29
CA THR A 34 -5.32 -5.85 -5.70
C THR A 34 -5.39 -6.06 -7.21
N THR A 35 -6.08 -7.13 -7.62
CA THR A 35 -6.35 -7.38 -9.03
C THR A 35 -7.84 -7.26 -9.32
N LEU A 36 -8.22 -6.38 -10.23
CA LEU A 36 -9.62 -6.31 -10.63
C LEU A 36 -9.93 -7.49 -11.53
N VAL A 37 -11.13 -8.03 -11.40
CA VAL A 37 -11.61 -9.07 -12.29
C VAL A 37 -12.97 -8.61 -12.77
N SER A 38 -13.01 -8.10 -13.99
CA SER A 38 -14.21 -7.43 -14.48
C SER A 38 -14.92 -8.27 -15.52
N GLY A 39 -16.23 -8.07 -15.63
CA GLY A 39 -17.02 -8.78 -16.61
C GLY A 39 -18.51 -8.54 -16.42
N THR A 40 -19.28 -8.82 -17.48
CA THR A 40 -20.73 -8.73 -17.41
C THR A 40 -21.28 -9.83 -16.50
N SER A 41 -22.59 -9.80 -16.26
CA SER A 41 -23.22 -10.87 -15.48
C SER A 41 -23.07 -12.21 -16.16
N GLY A 42 -22.75 -13.24 -15.39
CA GLY A 42 -22.63 -14.59 -15.92
C GLY A 42 -21.33 -14.89 -16.64
N THR A 43 -20.25 -14.24 -16.23
CA THR A 43 -18.95 -14.46 -16.88
C THR A 43 -18.01 -15.30 -16.02
N GLY A 44 -18.42 -15.58 -14.79
CA GLY A 44 -17.63 -16.40 -13.90
C GLY A 44 -16.74 -15.63 -12.94
N LYS A 45 -17.07 -14.36 -12.71
CA LYS A 45 -16.30 -13.54 -11.77
C LYS A 45 -16.36 -14.09 -10.35
N THR A 46 -17.56 -14.39 -9.88
CA THR A 46 -17.76 -14.94 -8.55
C THR A 46 -17.07 -16.28 -8.42
N LEU A 47 -17.14 -17.06 -9.49
CA LEU A 47 -16.52 -18.38 -9.55
C LEU A 47 -15.00 -18.25 -9.43
N PHE A 48 -14.45 -17.28 -10.15
CA PHE A 48 -13.03 -16.94 -10.06
C PHE A 48 -12.65 -16.56 -8.63
N ALA A 49 -13.48 -15.74 -8.00
CA ALA A 49 -13.22 -15.25 -6.66
C ALA A 49 -13.27 -16.34 -5.59
N VAL A 50 -14.18 -17.30 -5.76
CA VAL A 50 -14.28 -18.42 -4.82
C VAL A 50 -13.12 -19.39 -5.01
N GLN A 51 -12.83 -19.72 -6.27
CA GLN A 51 -11.78 -20.67 -6.61
C GLN A 51 -10.43 -20.18 -6.11
N PHE A 52 -10.24 -18.87 -6.18
CA PHE A 52 -9.02 -18.22 -5.69
C PHE A 52 -8.76 -18.51 -4.21
N LEU A 53 -9.79 -18.33 -3.38
CA LEU A 53 -9.66 -18.58 -1.96
C LEU A 53 -9.68 -20.07 -1.64
N TYR A 54 -10.46 -20.84 -2.40
CA TYR A 54 -10.59 -22.26 -2.14
C TYR A 54 -9.25 -22.98 -2.33
N ASN A 55 -8.54 -22.61 -3.38
CA ASN A 55 -7.22 -23.19 -3.64
C ASN A 55 -6.20 -22.71 -2.62
N GLY A 56 -6.25 -21.43 -2.28
CA GLY A 56 -5.38 -20.86 -1.26
C GLY A 56 -5.46 -21.63 0.05
N ILE A 57 -6.66 -22.09 0.38
CA ILE A 57 -6.89 -22.82 1.61
C ILE A 57 -6.58 -24.32 1.51
N THR A 58 -7.06 -24.97 0.47
CA THR A 58 -6.95 -26.42 0.36
C THR A 58 -5.58 -26.89 -0.15
N ILE A 59 -4.90 -26.02 -0.88
CA ILE A 59 -3.61 -26.39 -1.46
C ILE A 59 -2.44 -25.76 -0.71
N PHE A 60 -2.62 -24.52 -0.26
CA PHE A 60 -1.52 -23.77 0.35
C PHE A 60 -1.73 -23.49 1.83
N ASN A 61 -2.85 -23.94 2.38
CA ASN A 61 -3.21 -23.70 3.77
C ASN A 61 -3.11 -22.22 4.14
N GLU A 62 -3.49 -21.36 3.20
CA GLU A 62 -3.53 -19.92 3.43
C GLU A 62 -4.98 -19.47 3.61
N PRO A 63 -5.36 -19.09 4.84
CA PRO A 63 -6.74 -18.71 5.14
C PRO A 63 -7.19 -17.51 4.32
N GLY A 64 -8.49 -17.40 4.07
CA GLY A 64 -9.02 -16.35 3.22
C GLY A 64 -10.30 -15.72 3.72
N ILE A 65 -10.48 -14.44 3.41
CA ILE A 65 -11.74 -13.75 3.68
C ILE A 65 -12.50 -13.51 2.37
N PHE A 66 -13.79 -13.86 2.36
CA PHE A 66 -14.63 -13.54 1.21
C PHE A 66 -15.64 -12.47 1.62
N VAL A 67 -15.47 -11.28 1.05
CA VAL A 67 -16.38 -10.18 1.32
C VAL A 67 -17.45 -10.10 0.24
N THR A 68 -18.71 -10.14 0.64
CA THR A 68 -19.83 -10.16 -0.29
C THR A 68 -20.71 -8.93 -0.13
N PHE A 69 -21.02 -8.27 -1.25
CA PHE A 69 -21.78 -7.01 -1.20
C PHE A 69 -23.24 -7.14 -1.61
N GLU A 70 -23.59 -8.14 -2.41
CA GLU A 70 -24.99 -8.34 -2.76
C GLU A 70 -25.49 -9.70 -2.30
N GLU A 71 -24.87 -10.76 -2.79
CA GLU A 71 -25.26 -12.10 -2.36
C GLU A 71 -25.09 -12.25 -0.86
N SER A 72 -26.06 -12.89 -0.23
CA SER A 72 -25.97 -13.26 1.18
C SER A 72 -24.95 -14.37 1.34
N PRO A 73 -24.38 -14.51 2.54
CA PRO A 73 -23.44 -15.61 2.79
C PRO A 73 -24.02 -16.99 2.49
N GLN A 74 -25.33 -17.18 2.72
CA GLN A 74 -25.95 -18.48 2.50
C GLN A 74 -26.24 -18.78 1.03
N ASP A 75 -26.22 -17.74 0.20
CA ASP A 75 -26.33 -17.94 -1.24
C ASP A 75 -24.98 -17.99 -1.91
N ILE A 76 -23.94 -17.54 -1.21
CA ILE A 76 -22.57 -17.74 -1.68
C ILE A 76 -22.19 -19.21 -1.55
N ILE A 77 -22.50 -19.78 -0.39
CA ILE A 77 -22.13 -21.15 -0.07
C ILE A 77 -22.82 -22.17 -0.98
N LYS A 78 -24.06 -21.87 -1.37
CA LYS A 78 -24.83 -22.82 -2.15
C LYS A 78 -24.65 -22.58 -3.66
N ASN A 79 -24.34 -21.34 -4.04
CA ASN A 79 -23.94 -21.06 -5.43
C ASN A 79 -22.56 -21.65 -5.68
N ALA A 80 -21.78 -21.79 -4.61
CA ALA A 80 -20.51 -22.51 -4.65
C ALA A 80 -20.73 -24.02 -4.79
N LEU A 81 -21.80 -24.52 -4.19
CA LEU A 81 -22.16 -25.93 -4.32
C LEU A 81 -22.50 -26.18 -5.79
N SER A 82 -23.19 -25.20 -6.37
CA SER A 82 -23.57 -25.25 -7.78
C SER A 82 -22.35 -25.25 -8.68
N PHE A 83 -21.21 -24.79 -8.14
CA PHE A 83 -19.96 -24.80 -8.91
C PHE A 83 -19.11 -26.01 -8.55
N GLY A 84 -19.53 -26.75 -7.54
CA GLY A 84 -18.87 -27.99 -7.16
C GLY A 84 -18.02 -27.99 -5.90
N TRP A 85 -18.16 -26.98 -5.06
CA TRP A 85 -17.35 -26.86 -3.83
C TRP A 85 -18.17 -26.67 -2.55
N ASN A 86 -17.70 -27.35 -1.50
CA ASN A 86 -18.30 -27.26 -0.17
C ASN A 86 -17.55 -26.28 0.73
N LEU A 87 -18.04 -25.05 0.81
CA LEU A 87 -17.39 -24.00 1.59
C LEU A 87 -17.62 -24.13 3.10
N GLN A 88 -18.73 -24.75 3.49
CA GLN A 88 -19.11 -24.82 4.90
C GLN A 88 -18.08 -25.60 5.71
N SER A 89 -17.43 -26.57 5.08
CA SER A 89 -16.36 -27.32 5.72
C SER A 89 -15.20 -26.40 6.10
N LEU A 90 -14.79 -25.53 5.18
CA LEU A 90 -13.68 -24.63 5.41
C LEU A 90 -14.02 -23.58 6.46
N ILE A 91 -15.28 -23.17 6.48
CA ILE A 91 -15.77 -22.22 7.48
C ILE A 91 -15.77 -22.88 8.85
N ASP A 92 -16.07 -24.17 8.88
CA ASP A 92 -16.16 -24.91 10.13
C ASP A 92 -14.78 -25.24 10.70
N GLN A 93 -13.78 -25.33 9.82
CA GLN A 93 -12.39 -25.45 10.25
C GLN A 93 -11.79 -24.09 10.62
N GLY A 94 -12.56 -23.03 10.40
CA GLY A 94 -12.08 -21.69 10.69
C GLY A 94 -11.01 -21.18 9.74
N LYS A 95 -11.02 -21.70 8.51
CA LYS A 95 -10.03 -21.31 7.52
C LYS A 95 -10.64 -20.37 6.47
N LEU A 96 -11.97 -20.36 6.41
CA LEU A 96 -12.67 -19.44 5.52
C LEU A 96 -13.72 -18.66 6.29
N PHE A 97 -13.72 -17.35 6.09
CA PHE A 97 -14.72 -16.49 6.71
C PHE A 97 -15.43 -15.64 5.66
N ILE A 98 -16.75 -15.69 5.66
CA ILE A 98 -17.55 -14.86 4.76
C ILE A 98 -18.04 -13.63 5.50
N LEU A 99 -17.56 -12.47 5.08
CA LEU A 99 -17.95 -11.21 5.69
C LEU A 99 -19.19 -10.67 4.99
N ASP A 100 -20.29 -10.57 5.73
CA ASP A 100 -21.55 -10.14 5.15
C ASP A 100 -21.62 -8.63 5.06
N ALA A 101 -21.29 -8.10 3.88
CA ALA A 101 -21.42 -6.67 3.62
C ALA A 101 -22.58 -6.39 2.68
N SER A 102 -23.54 -7.31 2.62
CA SER A 102 -24.72 -7.12 1.79
C SER A 102 -25.74 -6.26 2.54
N PRO A 103 -26.67 -5.61 1.82
CA PRO A 103 -27.62 -4.73 2.48
C PRO A 103 -28.63 -5.45 3.39
N ASP A 104 -29.15 -4.72 4.36
CA ASP A 104 -30.18 -5.20 5.25
C ASP A 104 -31.53 -5.06 4.53
N PRO A 105 -32.27 -6.18 4.39
CA PRO A 105 -33.52 -6.15 3.62
C PRO A 105 -34.61 -5.25 4.21
N ASP A 106 -34.56 -4.98 5.52
CA ASP A 106 -35.52 -4.08 6.14
C ASP A 106 -35.19 -2.62 5.79
N GLY A 107 -34.10 -2.42 5.07
CA GLY A 107 -33.74 -1.12 4.55
C GLY A 107 -32.81 -0.31 5.41
N GLN A 108 -32.07 0.60 4.79
CA GLN A 108 -31.18 1.51 5.49
C GLN A 108 -31.47 2.92 5.01
N GLU A 109 -31.99 3.77 5.88
CA GLU A 109 -32.29 5.14 5.51
C GLU A 109 -31.08 6.05 5.68
N VAL A 110 -30.82 6.88 4.67
CA VAL A 110 -29.70 7.80 4.68
C VAL A 110 -30.18 9.17 5.13
N ALA A 111 -29.50 9.75 6.12
CA ALA A 111 -29.93 11.01 6.70
C ALA A 111 -28.76 11.94 6.95
N GLY A 112 -27.80 11.92 6.03
CA GLY A 112 -26.63 12.78 6.11
C GLY A 112 -25.45 12.12 5.43
N ASP A 113 -24.29 12.78 5.47
CA ASP A 113 -23.14 12.24 4.77
C ASP A 113 -22.38 11.24 5.64
N PHE A 114 -21.60 10.37 4.99
CA PHE A 114 -21.00 9.22 5.64
C PHE A 114 -19.77 8.72 4.89
N ASP A 115 -19.05 7.78 5.50
CA ASP A 115 -18.00 7.06 4.79
C ASP A 115 -18.15 5.57 5.06
N LEU A 116 -17.18 4.76 4.64
CA LEU A 116 -17.25 3.32 4.83
C LEU A 116 -16.16 2.81 5.76
N SER A 117 -15.92 3.54 6.84
CA SER A 117 -14.85 3.21 7.78
C SER A 117 -15.08 1.89 8.50
N ALA A 118 -16.33 1.65 8.92
CA ALA A 118 -16.69 0.43 9.62
C ALA A 118 -16.42 -0.81 8.77
N LEU A 119 -16.72 -0.71 7.47
CA LEU A 119 -16.43 -1.77 6.52
C LEU A 119 -14.94 -2.10 6.48
N ILE A 120 -14.11 -1.06 6.36
CA ILE A 120 -12.67 -1.23 6.30
C ILE A 120 -12.10 -1.85 7.58
N GLU A 121 -12.59 -1.39 8.73
CA GLU A 121 -12.12 -1.90 10.01
C GLU A 121 -12.59 -3.33 10.26
N ARG A 122 -13.82 -3.65 9.84
CA ARG A 122 -14.33 -5.01 9.93
C ARG A 122 -13.46 -5.99 9.13
N ILE A 123 -13.06 -5.58 7.93
CA ILE A 123 -12.24 -6.42 7.07
C ILE A 123 -10.86 -6.64 7.66
N GLN A 124 -10.23 -5.55 8.10
CA GLN A 124 -8.93 -5.63 8.75
C GLN A 124 -8.99 -6.52 9.98
N TYR A 125 -10.07 -6.40 10.74
CA TYR A 125 -10.26 -7.20 11.95
C TYR A 125 -10.39 -8.68 11.63
N ALA A 126 -11.17 -8.98 10.60
CA ALA A 126 -11.38 -10.37 10.17
C ALA A 126 -10.09 -10.99 9.66
N ILE A 127 -9.31 -10.21 8.92
CA ILE A 127 -8.03 -10.65 8.39
C ILE A 127 -7.08 -11.09 9.50
N ARG A 128 -7.04 -10.32 10.58
CA ARG A 128 -6.14 -10.59 11.70
C ARG A 128 -6.67 -11.67 12.63
N LYS A 129 -7.99 -11.77 12.74
CA LYS A 129 -8.59 -12.78 13.60
C LYS A 129 -8.42 -14.18 13.02
N TYR A 130 -8.54 -14.29 11.71
CA TYR A 130 -8.41 -15.56 11.01
C TYR A 130 -7.04 -15.76 10.36
N LYS A 131 -6.16 -14.77 10.52
CA LYS A 131 -4.80 -14.82 9.97
C LYS A 131 -4.81 -15.03 8.46
N ALA A 132 -5.70 -14.32 7.76
CA ALA A 132 -5.87 -14.51 6.32
C ALA A 132 -4.78 -13.79 5.51
N THR A 133 -4.40 -14.39 4.38
CA THR A 133 -3.45 -13.78 3.47
C THR A 133 -4.06 -13.53 2.09
N ARG A 134 -5.27 -14.04 1.88
CA ARG A 134 -5.98 -13.83 0.62
C ARG A 134 -7.39 -13.28 0.88
N VAL A 135 -7.79 -12.27 0.10
CA VAL A 135 -9.12 -11.68 0.24
C VAL A 135 -9.83 -11.57 -1.11
N SER A 136 -11.11 -11.94 -1.13
CA SER A 136 -11.95 -11.75 -2.31
C SER A 136 -13.11 -10.81 -1.99
N ILE A 137 -13.36 -9.86 -2.89
CA ILE A 137 -14.41 -8.87 -2.70
C ILE A 137 -15.36 -8.85 -3.90
N ASP A 138 -16.61 -9.26 -3.66
CA ASP A 138 -17.59 -9.47 -4.73
C ASP A 138 -19.00 -9.01 -4.35
N SER A 139 -19.58 -8.07 -5.10
CA SER A 139 -18.92 -7.39 -6.21
C SER A 139 -18.97 -5.89 -5.95
N VAL A 140 -17.81 -5.24 -6.01
CA VAL A 140 -17.68 -3.85 -5.57
C VAL A 140 -18.61 -2.83 -6.26
N THR A 141 -19.06 -3.11 -7.48
CA THR A 141 -19.99 -2.22 -8.15
C THR A 141 -21.38 -2.15 -7.52
N ALA A 142 -21.76 -3.21 -6.81
CA ALA A 142 -23.06 -3.24 -6.13
C ALA A 142 -23.17 -2.11 -5.12
N VAL A 143 -22.05 -1.76 -4.49
CA VAL A 143 -22.02 -0.67 -3.51
C VAL A 143 -22.52 0.65 -4.08
N PHE A 144 -22.12 0.94 -5.32
CA PHE A 144 -22.52 2.17 -6.00
C PHE A 144 -24.04 2.27 -6.16
N GLN A 145 -24.73 1.13 -6.09
CA GLN A 145 -26.17 1.10 -6.29
C GLN A 145 -26.94 1.00 -4.98
N GLN A 146 -26.21 0.82 -3.89
CA GLN A 146 -26.84 0.72 -2.58
C GLN A 146 -26.66 2.01 -1.80
N TYR A 147 -25.82 2.88 -2.35
CA TYR A 147 -25.68 4.25 -1.86
C TYR A 147 -25.55 5.20 -3.05
N ASP A 148 -26.18 6.36 -2.96
CA ASP A 148 -26.11 7.32 -4.05
C ASP A 148 -25.17 8.44 -3.68
N ALA A 149 -23.88 8.12 -3.72
CA ALA A 149 -22.80 9.08 -3.55
C ALA A 149 -21.54 8.48 -4.15
N ALA A 150 -21.55 8.33 -5.47
CA ALA A 150 -20.49 7.64 -6.21
C ALA A 150 -19.08 8.12 -5.88
N SER A 151 -18.93 9.39 -5.50
CA SER A 151 -17.60 9.95 -5.27
C SER A 151 -16.99 9.52 -3.93
N VAL A 152 -17.83 9.32 -2.91
CA VAL A 152 -17.33 8.86 -1.61
C VAL A 152 -17.16 7.33 -1.65
N VAL A 153 -18.05 6.66 -2.37
CA VAL A 153 -17.95 5.23 -2.57
C VAL A 153 -16.64 4.92 -3.26
N ARG A 154 -16.34 5.72 -4.29
CA ARG A 154 -15.10 5.61 -5.04
C ARG A 154 -13.89 5.77 -4.12
N ARG A 155 -13.88 6.84 -3.35
CA ARG A 155 -12.80 7.15 -2.41
C ARG A 155 -12.57 6.02 -1.40
N GLU A 156 -13.66 5.46 -0.88
CA GLU A 156 -13.59 4.41 0.13
C GLU A 156 -13.05 3.11 -0.45
N ILE A 157 -13.37 2.84 -1.71
CA ILE A 157 -12.84 1.66 -2.38
C ILE A 157 -11.33 1.77 -2.55
N PHE A 158 -10.86 2.98 -2.88
CA PHE A 158 -9.43 3.23 -2.99
C PHE A 158 -8.74 3.02 -1.64
N ARG A 159 -9.31 3.64 -0.61
CA ARG A 159 -8.77 3.57 0.73
C ARG A 159 -8.77 2.15 1.28
N LEU A 160 -9.77 1.36 0.89
CA LEU A 160 -9.80 -0.06 1.25
C LEU A 160 -8.65 -0.82 0.61
N ALA A 161 -8.41 -0.56 -0.67
CA ALA A 161 -7.30 -1.16 -1.40
C ALA A 161 -5.96 -0.80 -0.75
N PHE A 162 -5.81 0.46 -0.37
CA PHE A 162 -4.62 0.94 0.33
C PHE A 162 -4.37 0.17 1.62
N ARG A 163 -5.42 -0.02 2.41
CA ARG A 163 -5.30 -0.74 3.67
C ARG A 163 -4.97 -2.22 3.47
N LEU A 164 -5.62 -2.83 2.48
CA LEU A 164 -5.37 -4.24 2.15
C LEU A 164 -3.91 -4.46 1.77
N ALA A 165 -3.35 -3.50 1.06
CA ALA A 165 -1.94 -3.55 0.66
C ALA A 165 -1.02 -3.49 1.88
N GLN A 166 -1.28 -2.54 2.77
CA GLN A 166 -0.48 -2.35 3.98
C GLN A 166 -0.48 -3.59 4.87
N LEU A 167 -1.60 -4.31 4.88
CA LEU A 167 -1.73 -5.53 5.65
C LEU A 167 -1.03 -6.71 4.97
N GLY A 168 -0.46 -6.44 3.80
CA GLY A 168 0.29 -7.45 3.06
C GLY A 168 -0.57 -8.60 2.57
N VAL A 169 -1.71 -8.27 1.97
CA VAL A 169 -2.68 -9.27 1.54
C VAL A 169 -2.93 -9.20 0.04
N THR A 170 -3.08 -10.36 -0.60
CA THR A 170 -3.40 -10.41 -2.02
C THR A 170 -4.92 -10.43 -2.21
N THR A 171 -5.40 -9.58 -3.11
CA THR A 171 -6.83 -9.32 -3.19
C THR A 171 -7.40 -9.37 -4.61
N ILE A 172 -8.57 -9.98 -4.75
CA ILE A 172 -9.35 -9.91 -5.97
C ILE A 172 -10.61 -9.11 -5.73
N MET A 173 -10.86 -8.12 -6.59
CA MET A 173 -12.09 -7.36 -6.57
C MET A 173 -12.83 -7.63 -7.88
N THR A 174 -14.02 -8.22 -7.79
CA THR A 174 -14.83 -8.48 -8.98
C THR A 174 -15.65 -7.24 -9.31
N THR A 175 -15.88 -7.01 -10.60
CA THR A 175 -16.56 -5.79 -11.02
C THR A 175 -17.47 -6.07 -12.20
N GLU A 176 -18.68 -5.50 -12.16
CA GLU A 176 -19.64 -5.65 -13.24
C GLU A 176 -19.26 -4.80 -14.46
N ARG A 177 -19.61 -5.28 -15.64
CA ARG A 177 -19.38 -4.53 -16.87
C ARG A 177 -20.70 -4.13 -17.52
N VAL A 178 -20.62 -3.21 -18.48
CA VAL A 178 -21.78 -2.83 -19.27
C VAL A 178 -21.90 -3.75 -20.48
N ASP A 179 -20.79 -3.92 -21.19
CA ASP A 179 -20.76 -4.79 -22.36
C ASP A 179 -19.40 -5.47 -22.51
N GLU A 180 -19.38 -6.50 -23.36
CA GLU A 180 -18.19 -7.31 -23.58
C GLU A 180 -17.05 -6.52 -24.21
N TYR A 181 -17.38 -5.41 -24.87
CA TYR A 181 -16.38 -4.57 -25.48
C TYR A 181 -16.69 -3.09 -25.25
N GLY A 182 -16.11 -2.54 -24.19
CA GLY A 182 -16.30 -1.14 -23.83
C GLY A 182 -15.48 -0.78 -22.61
N PRO A 183 -16.06 0.03 -21.71
CA PRO A 183 -15.41 0.39 -20.45
C PRO A 183 -14.95 -0.83 -19.65
N VAL A 184 -13.76 -0.75 -19.07
CA VAL A 184 -13.15 -1.88 -18.38
C VAL A 184 -13.98 -2.31 -17.16
N ALA A 185 -14.53 -1.35 -16.45
CA ALA A 185 -15.35 -1.66 -15.28
C ALA A 185 -16.37 -0.55 -15.04
N ARG A 186 -17.49 -0.93 -14.46
CA ARG A 186 -18.59 0.00 -14.25
C ARG A 186 -18.24 1.03 -13.17
N PHE A 187 -18.75 2.24 -13.36
CA PHE A 187 -18.56 3.37 -12.44
C PHE A 187 -17.10 3.83 -12.33
N GLY A 188 -16.30 3.49 -13.34
CA GLY A 188 -14.94 3.97 -13.44
C GLY A 188 -14.04 3.66 -12.25
N VAL A 189 -14.10 2.42 -11.77
CA VAL A 189 -13.24 2.00 -10.67
C VAL A 189 -11.84 1.64 -11.16
N GLU A 190 -11.58 1.82 -12.45
CA GLU A 190 -10.29 1.40 -13.00
C GLU A 190 -9.35 2.59 -12.93
N GLU A 191 -9.85 3.68 -12.37
CA GLU A 191 -9.11 4.92 -12.30
C GLU A 191 -8.38 4.99 -10.97
N PHE A 192 -8.85 4.20 -10.00
CA PHE A 192 -8.22 4.15 -8.69
C PHE A 192 -7.55 2.79 -8.45
N VAL A 193 -8.31 1.72 -8.61
CA VAL A 193 -7.73 0.37 -8.63
C VAL A 193 -7.27 0.07 -10.06
N SER A 194 -6.06 0.51 -10.38
CA SER A 194 -5.67 0.67 -11.79
C SER A 194 -4.64 -0.32 -12.35
N ASP A 195 -3.76 -0.85 -11.50
CA ASP A 195 -2.59 -1.56 -12.01
C ASP A 195 -2.88 -2.94 -12.61
N ASN A 196 -3.70 -3.74 -11.94
CA ASN A 196 -3.92 -5.11 -12.36
C ASN A 196 -5.37 -5.43 -12.73
N VAL A 197 -5.61 -5.66 -14.02
CA VAL A 197 -6.96 -5.89 -14.53
C VAL A 197 -7.08 -7.19 -15.32
N VAL A 198 -8.07 -8.00 -14.96
CA VAL A 198 -8.40 -9.20 -15.74
C VAL A 198 -9.84 -9.07 -16.22
N ILE A 199 -10.06 -9.30 -17.52
CA ILE A 199 -11.39 -9.18 -18.09
C ILE A 199 -11.93 -10.55 -18.51
N LEU A 200 -13.20 -10.79 -18.20
CA LEU A 200 -13.87 -12.02 -18.58
C LEU A 200 -15.05 -11.72 -19.51
N ARG A 201 -15.05 -12.35 -20.68
CA ARG A 201 -16.15 -12.15 -21.63
C ARG A 201 -16.93 -13.43 -21.92
N ASN A 202 -18.17 -13.24 -22.32
CA ASN A 202 -19.07 -14.34 -22.66
C ASN A 202 -19.96 -13.96 -23.85
N VAL A 203 -19.54 -14.35 -25.05
CA VAL A 203 -20.21 -13.95 -26.28
C VAL A 203 -20.58 -15.13 -27.17
N LEU A 204 -21.54 -14.92 -28.05
CA LEU A 204 -21.88 -15.92 -29.07
C LEU A 204 -20.95 -15.78 -30.28
N GLU A 207 -23.16 -19.41 -32.99
CA GLU A 207 -23.53 -20.77 -32.64
C GLU A 207 -23.62 -20.95 -31.13
N ARG A 208 -22.49 -21.22 -30.48
CA ARG A 208 -22.46 -21.57 -29.06
C ARG A 208 -21.72 -20.48 -28.28
N ARG A 209 -21.98 -20.39 -26.99
CA ARG A 209 -21.27 -19.48 -26.11
C ARG A 209 -19.75 -19.66 -26.20
N ARG A 210 -19.02 -18.55 -26.19
CA ARG A 210 -17.56 -18.59 -26.06
C ARG A 210 -17.14 -17.73 -24.87
N ARG A 211 -16.42 -18.34 -23.94
CA ARG A 211 -15.94 -17.64 -22.77
C ARG A 211 -14.46 -17.36 -22.89
N THR A 212 -14.04 -16.15 -22.55
CA THR A 212 -12.64 -15.78 -22.67
C THR A 212 -12.11 -15.01 -21.47
N VAL A 213 -10.81 -15.13 -21.25
CA VAL A 213 -10.13 -14.41 -20.19
C VAL A 213 -9.02 -13.58 -20.81
N GLU A 214 -8.95 -12.31 -20.43
CA GLU A 214 -7.90 -11.44 -20.94
C GLU A 214 -7.20 -10.71 -19.81
N ILE A 215 -5.88 -10.77 -19.81
CA ILE A 215 -5.08 -10.00 -18.86
C ILE A 215 -4.75 -8.65 -19.47
N LEU A 216 -5.65 -7.69 -19.28
CA LEU A 216 -5.55 -6.39 -19.91
C LEU A 216 -4.35 -5.61 -19.41
N LYS A 217 -4.01 -5.81 -18.14
CA LYS A 217 -2.95 -5.04 -17.50
C LYS A 217 -2.46 -5.73 -16.24
N LEU A 218 -1.14 -5.75 -16.09
CA LEU A 218 -0.50 -6.33 -14.92
C LEU A 218 0.76 -5.51 -14.68
N ARG A 219 0.53 -4.22 -14.39
CA ARG A 219 1.56 -3.18 -14.41
C ARG A 219 2.88 -3.62 -13.77
N GLY A 220 3.97 -3.42 -14.50
CA GLY A 220 5.30 -3.69 -13.98
C GLY A 220 5.80 -5.11 -14.10
N THR A 221 5.10 -5.94 -14.89
CA THR A 221 5.52 -7.33 -15.09
C THR A 221 4.95 -7.93 -16.36
N THR A 222 5.43 -9.12 -16.69
CA THR A 222 5.09 -9.78 -17.95
C THR A 222 3.85 -10.66 -17.86
N HIS A 223 3.11 -10.74 -18.97
CA HIS A 223 1.95 -11.62 -19.06
C HIS A 223 1.63 -11.90 -20.52
N MET A 224 1.00 -13.03 -20.81
CA MET A 224 0.55 -13.30 -22.17
C MET A 224 -0.58 -12.34 -22.50
N LYS A 225 -0.50 -11.72 -23.67
CA LYS A 225 -1.47 -10.69 -24.06
C LYS A 225 -2.59 -11.24 -24.93
N GLY A 226 -3.77 -10.65 -24.79
CA GLY A 226 -4.91 -10.97 -25.63
C GLY A 226 -5.87 -11.92 -24.96
N GLU A 227 -6.96 -12.25 -25.65
CA GLU A 227 -7.98 -13.15 -25.13
C GLU A 227 -7.65 -14.63 -25.31
N TYR A 228 -8.03 -15.43 -24.33
CA TYR A 228 -7.86 -16.88 -24.39
C TYR A 228 -9.15 -17.53 -23.92
N PRO A 229 -9.47 -18.70 -24.48
CA PRO A 229 -10.76 -19.32 -24.15
C PRO A 229 -10.67 -20.17 -22.89
N PHE A 230 -11.79 -20.30 -22.19
CA PHE A 230 -11.85 -21.17 -21.03
C PHE A 230 -13.23 -21.78 -20.89
N THR A 231 -13.31 -22.92 -20.20
CA THR A 231 -14.58 -23.57 -19.94
C THR A 231 -14.85 -23.60 -18.45
N ILE A 232 -16.13 -23.65 -18.09
CA ILE A 232 -16.53 -23.78 -16.70
C ILE A 232 -16.91 -25.23 -16.44
N ASN A 233 -15.94 -26.02 -16.00
CA ASN A 233 -16.21 -27.41 -15.64
C ASN A 233 -15.50 -27.74 -14.34
N ASN A 234 -16.23 -27.64 -13.23
CA ASN A 234 -15.67 -27.81 -11.89
C ASN A 234 -14.47 -26.91 -11.68
N GLY A 235 -14.66 -25.62 -11.95
CA GLY A 235 -13.61 -24.64 -11.90
C GLY A 235 -13.42 -23.97 -13.25
N ILE A 236 -12.53 -22.99 -13.29
CA ILE A 236 -12.22 -22.33 -14.55
C ILE A 236 -11.07 -23.08 -15.22
N ASN A 237 -11.21 -23.35 -16.51
CA ASN A 237 -10.20 -24.10 -17.24
C ASN A 237 -9.80 -23.41 -18.54
N ILE A 238 -8.66 -22.73 -18.52
CA ILE A 238 -8.18 -21.95 -19.66
C ILE A 238 -7.31 -22.81 -20.58
N PHE A 239 -7.44 -22.64 -21.88
CA PHE A 239 -6.68 -23.46 -22.83
C PHE A 239 -6.24 -22.75 -24.10
N ASP A 240 -5.44 -23.45 -24.91
CA ASP A 240 -4.91 -22.94 -26.17
C ASP A 240 -4.09 -21.66 -25.98
N TYR A 241 -2.92 -21.81 -25.38
CA TYR A 241 -2.02 -20.70 -25.11
C TYR A 241 -0.57 -21.16 -25.13
N LYS A 242 -0.34 -22.28 -25.82
CA LYS A 242 0.95 -22.97 -25.86
C LYS A 242 1.29 -23.52 -24.47
N LYS B 6 -42.05 4.14 24.65
CA LYS B 6 -41.55 5.20 25.52
C LYS B 6 -40.20 4.82 26.13
N THR B 7 -39.53 3.86 25.50
CA THR B 7 -38.17 3.53 25.89
C THR B 7 -37.29 3.42 24.65
N ALA B 8 -36.12 4.06 24.70
CA ALA B 8 -35.19 4.03 23.58
C ALA B 8 -33.90 3.31 23.95
N VAL B 9 -33.50 2.35 23.13
CA VAL B 9 -32.18 1.75 23.27
C VAL B 9 -31.45 1.92 21.94
N LEU B 10 -30.42 2.75 21.94
CA LEU B 10 -29.77 3.12 20.69
C LEU B 10 -28.26 2.92 20.72
N LYS B 11 -27.71 2.51 19.59
CA LYS B 11 -26.27 2.42 19.43
C LYS B 11 -25.81 3.32 18.28
N LEU B 12 -24.81 4.15 18.54
CA LEU B 12 -24.27 5.02 17.52
C LEU B 12 -22.85 4.58 17.19
N TYR B 13 -22.66 4.08 15.98
CA TYR B 13 -21.34 3.65 15.56
C TYR B 13 -20.64 4.80 14.88
N VAL B 14 -19.46 5.15 15.39
CA VAL B 14 -18.72 6.28 14.88
C VAL B 14 -17.33 5.84 14.46
N ALA B 15 -16.62 6.74 13.79
CA ALA B 15 -15.26 6.45 13.36
C ALA B 15 -14.32 7.52 13.89
N GLY B 16 -13.73 7.23 15.05
CA GLY B 16 -12.84 8.16 15.72
C GLY B 16 -13.56 9.46 16.04
N ASN B 17 -12.89 10.58 15.79
CA ASN B 17 -13.50 11.87 16.03
C ASN B 17 -13.59 12.70 14.74
N THR B 18 -14.01 12.05 13.67
CA THR B 18 -14.33 12.69 12.40
C THR B 18 -15.55 13.60 12.55
N PRO B 19 -15.56 14.73 11.82
CA PRO B 19 -16.64 15.73 11.89
C PRO B 19 -18.05 15.14 11.71
N ASN B 20 -18.20 14.16 10.83
CA ASN B 20 -19.51 13.53 10.65
C ASN B 20 -20.00 12.83 11.91
N SER B 21 -19.09 12.14 12.59
CA SER B 21 -19.41 11.42 13.82
C SER B 21 -19.73 12.38 14.96
N VAL B 22 -18.93 13.43 15.06
CA VAL B 22 -19.11 14.44 16.10
C VAL B 22 -20.44 15.17 15.91
N ARG B 23 -20.81 15.42 14.66
CA ARG B 23 -22.06 16.10 14.33
C ARG B 23 -23.25 15.21 14.70
N ALA B 24 -23.16 13.94 14.34
CA ALA B 24 -24.23 12.99 14.60
C ALA B 24 -24.49 12.81 16.09
N LEU B 25 -23.42 12.73 16.87
CA LEU B 25 -23.54 12.59 18.32
C LEU B 25 -24.19 13.83 18.91
N LYS B 26 -23.76 14.99 18.42
CA LYS B 26 -24.34 16.26 18.86
C LYS B 26 -25.82 16.37 18.54
N THR B 27 -26.17 16.10 17.29
CA THR B 27 -27.56 16.16 16.86
C THR B 27 -28.41 15.18 17.67
N LEU B 28 -27.97 13.93 17.72
CA LEU B 28 -28.70 12.86 18.40
C LEU B 28 -28.88 13.10 19.90
N ASN B 29 -27.87 13.65 20.56
CA ASN B 29 -27.95 13.94 21.99
C ASN B 29 -28.97 15.02 22.33
N ASN B 30 -29.00 16.08 21.54
CA ASN B 30 -29.91 17.20 21.81
C ASN B 30 -31.37 16.84 21.52
N ILE B 31 -31.59 15.95 20.57
CA ILE B 31 -32.93 15.43 20.30
C ILE B 31 -33.44 14.59 21.47
N LEU B 32 -32.58 13.75 22.02
CA LEU B 32 -32.98 12.84 23.09
C LEU B 32 -33.27 13.58 24.39
N GLU B 33 -32.45 14.58 24.70
CA GLU B 33 -32.58 15.29 25.98
C GLU B 33 -33.62 16.41 25.96
N LYS B 34 -34.02 16.86 24.77
CA LYS B 34 -34.91 18.03 24.68
C LYS B 34 -36.26 17.73 24.02
N GLU B 35 -36.25 16.99 22.92
CA GLU B 35 -37.48 16.75 22.16
C GLU B 35 -38.05 15.36 22.39
N PHE B 36 -37.32 14.55 23.14
CA PHE B 36 -37.76 13.20 23.44
C PHE B 36 -38.22 13.19 24.90
N LYS B 37 -39.28 12.45 25.16
CA LYS B 37 -39.64 12.18 26.54
C LYS B 37 -39.84 10.70 26.71
N GLY B 38 -39.44 10.19 27.86
CA GLY B 38 -39.23 8.77 27.99
C GLY B 38 -37.81 8.46 28.43
N VAL B 39 -37.58 7.19 28.73
CA VAL B 39 -36.29 6.71 29.19
C VAL B 39 -35.45 6.22 28.01
N TYR B 40 -34.15 6.52 28.01
CA TYR B 40 -33.28 6.05 26.93
C TYR B 40 -31.85 5.72 27.36
N ALA B 41 -31.20 4.84 26.60
CA ALA B 41 -29.77 4.58 26.76
C ALA B 41 -29.08 4.59 25.41
N LEU B 42 -28.14 5.53 25.23
CA LEU B 42 -27.40 5.64 23.97
C LEU B 42 -25.95 5.18 24.11
N LYS B 43 -25.62 4.09 23.42
CA LYS B 43 -24.27 3.55 23.44
C LYS B 43 -23.47 4.06 22.25
N VAL B 44 -22.35 4.72 22.52
CA VAL B 44 -21.51 5.25 21.44
C VAL B 44 -20.28 4.36 21.28
N ILE B 45 -20.13 3.80 20.08
CA ILE B 45 -19.08 2.82 19.83
C ILE B 45 -18.13 3.26 18.72
N ASP B 46 -16.83 3.29 19.02
CA ASP B 46 -15.85 3.58 17.99
C ASP B 46 -15.44 2.28 17.29
N VAL B 47 -15.78 2.17 16.01
CA VAL B 47 -15.47 0.98 15.23
C VAL B 47 -13.96 0.77 15.06
N LEU B 48 -13.18 1.84 15.19
CA LEU B 48 -11.74 1.74 15.17
C LEU B 48 -11.20 1.09 16.45
N LYS B 49 -12.02 1.07 17.49
CA LYS B 49 -11.61 0.48 18.77
C LYS B 49 -12.37 -0.80 19.08
N ASN B 50 -13.62 -0.89 18.64
CA ASN B 50 -14.42 -2.09 18.84
C ASN B 50 -15.02 -2.67 17.56
N PRO B 51 -14.16 -3.15 16.65
CA PRO B 51 -14.58 -3.68 15.34
C PRO B 51 -15.55 -4.86 15.45
N GLN B 52 -15.35 -5.74 16.43
CA GLN B 52 -16.22 -6.91 16.62
C GLN B 52 -17.68 -6.51 16.82
N LEU B 53 -17.91 -5.40 17.51
CA LEU B 53 -19.25 -4.87 17.66
C LEU B 53 -19.86 -4.44 16.32
N ALA B 54 -19.01 -3.94 15.43
CA ALA B 54 -19.45 -3.55 14.09
C ALA B 54 -19.70 -4.76 13.20
N GLU B 55 -19.00 -5.86 13.49
CA GLU B 55 -19.19 -7.11 12.77
C GLU B 55 -20.51 -7.77 13.20
N GLU B 56 -20.81 -7.69 14.49
CA GLU B 56 -22.03 -8.29 15.03
C GLU B 56 -23.28 -7.66 14.40
N ASP B 57 -23.25 -6.34 14.25
CA ASP B 57 -24.40 -5.59 13.77
C ASP B 57 -24.37 -5.32 12.27
N LYS B 58 -23.36 -5.86 11.60
CA LYS B 58 -23.17 -5.64 10.16
C LYS B 58 -23.15 -4.16 9.80
N ILE B 59 -22.31 -3.39 10.49
CA ILE B 59 -22.19 -1.97 10.21
C ILE B 59 -21.24 -1.78 9.04
N LEU B 60 -21.62 -0.93 8.09
CA LEU B 60 -20.76 -0.64 6.94
C LEU B 60 -20.30 0.81 6.94
N ALA B 61 -21.24 1.71 7.17
CA ALA B 61 -20.95 3.13 7.09
C ALA B 61 -20.83 3.75 8.48
N THR B 62 -20.04 4.82 8.57
CA THR B 62 -19.97 5.63 9.79
C THR B 62 -20.24 7.08 9.45
N PRO B 63 -21.04 7.77 10.29
CA PRO B 63 -21.70 7.19 11.45
C PRO B 63 -22.97 6.39 11.10
N THR B 64 -23.30 5.41 11.93
CA THR B 64 -24.53 4.65 11.78
C THR B 64 -25.32 4.64 13.09
N LEU B 65 -26.62 4.91 13.00
CA LEU B 65 -27.48 4.87 14.17
C LEU B 65 -28.39 3.63 14.11
N ALA B 66 -28.16 2.70 15.03
CA ALA B 66 -28.96 1.48 15.10
C ALA B 66 -29.93 1.52 16.27
N LYS B 67 -31.21 1.67 15.95
CA LYS B 67 -32.26 1.68 16.96
C LYS B 67 -32.68 0.26 17.35
N VAL B 68 -32.53 -0.08 18.62
CA VAL B 68 -32.98 -1.37 19.12
C VAL B 68 -34.41 -1.25 19.61
N LEU B 69 -34.67 -0.24 20.43
CA LEU B 69 -36.01 0.09 20.87
C LEU B 69 -36.29 1.56 20.61
N PRO B 70 -37.54 1.91 20.24
CA PRO B 70 -38.70 1.02 20.09
C PRO B 70 -38.68 0.19 18.81
N PRO B 71 -39.39 -0.94 18.77
CA PRO B 71 -39.42 -1.84 17.62
C PRO B 71 -40.15 -1.24 16.42
N PRO B 72 -39.80 -1.68 15.19
CA PRO B 72 -38.80 -2.70 14.89
C PRO B 72 -37.40 -2.11 14.71
N VAL B 73 -36.38 -2.97 14.79
CA VAL B 73 -34.99 -2.57 14.61
C VAL B 73 -34.75 -1.95 13.23
N ARG B 74 -34.14 -0.77 13.23
CA ARG B 74 -33.86 -0.04 11.98
C ARG B 74 -32.52 0.69 12.06
N ARG B 75 -31.90 0.92 10.90
CA ARG B 75 -30.61 1.58 10.83
C ARG B 75 -30.72 2.95 10.16
N ILE B 76 -29.99 3.93 10.67
CA ILE B 76 -29.93 5.24 10.04
C ILE B 76 -28.47 5.64 9.82
N ILE B 77 -28.16 6.00 8.57
CA ILE B 77 -26.78 6.33 8.19
C ILE B 77 -26.62 7.83 7.91
N GLY B 78 -25.45 8.37 8.23
CA GLY B 78 -25.16 9.77 7.98
C GLY B 78 -24.96 10.57 9.25
N ASP B 79 -24.53 11.82 9.10
CA ASP B 79 -24.24 12.68 10.25
C ASP B 79 -25.53 13.19 10.90
N LEU B 80 -26.66 12.72 10.37
CA LEU B 80 -27.99 13.00 10.93
C LEU B 80 -28.41 14.46 10.74
N SER B 81 -28.02 15.05 9.60
CA SER B 81 -28.42 16.42 9.28
C SER B 81 -29.91 16.51 8.99
N ASN B 82 -30.44 15.51 8.28
CA ASN B 82 -31.87 15.41 8.01
C ASN B 82 -32.57 14.85 9.25
N ARG B 83 -32.86 15.73 10.20
CA ARG B 83 -33.38 15.30 11.50
C ARG B 83 -34.70 14.56 11.52
N GLU B 84 -35.62 14.89 10.61
CA GLU B 84 -36.92 14.22 10.58
C GLU B 84 -36.80 12.69 10.52
N LYS B 85 -35.89 12.19 9.70
CA LYS B 85 -35.65 10.75 9.61
C LYS B 85 -35.27 10.15 10.96
N VAL B 86 -34.68 10.97 11.84
CA VAL B 86 -34.37 10.52 13.19
C VAL B 86 -35.60 10.60 14.10
N LEU B 87 -36.40 11.67 13.94
CA LEU B 87 -37.61 11.85 14.73
C LEU B 87 -38.64 10.75 14.49
N ILE B 88 -38.81 10.36 13.24
CA ILE B 88 -39.77 9.31 12.88
C ILE B 88 -39.39 8.00 13.58
N ALA B 89 -38.08 7.75 13.71
CA ALA B 89 -37.61 6.53 14.35
C ALA B 89 -37.87 6.54 15.86
N LEU B 90 -37.71 7.69 16.49
CA LEU B 90 -38.02 7.83 17.92
C LEU B 90 -39.52 8.05 18.15
N ARG B 91 -40.29 7.99 17.07
CA ARG B 91 -41.76 8.01 17.11
C ARG B 91 -42.33 9.39 17.44
N LEU B 92 -41.46 10.38 17.58
CA LEU B 92 -41.88 11.72 17.97
C LEU B 92 -42.58 12.48 16.84
N LEU B 93 -42.68 11.86 15.67
CA LEU B 93 -43.39 12.44 14.54
C LEU B 93 -43.81 11.36 13.56
N ALA B 94 -45.03 11.46 13.05
CA ALA B 94 -45.57 10.51 12.08
C ALA B 94 -44.65 10.38 10.86
N GLU C 10 -1.08 2.19 12.66
CA GLU C 10 0.37 2.07 12.78
C GLU C 10 0.80 1.45 14.11
N VAL C 11 1.89 0.68 14.08
CA VAL C 11 2.48 0.15 15.30
C VAL C 11 4.00 0.33 15.27
N LYS C 12 4.61 0.17 14.11
CA LYS C 12 6.04 0.38 14.02
C LYS C 12 6.37 1.79 13.50
N LYS C 13 7.41 2.38 14.08
CA LYS C 13 7.79 3.76 13.75
C LYS C 13 9.30 3.90 13.49
N ILE C 14 9.67 4.91 12.70
CA ILE C 14 11.07 5.22 12.49
C ILE C 14 11.39 6.55 13.17
N PRO C 15 12.53 6.63 13.87
CA PRO C 15 12.89 7.86 14.59
C PRO C 15 13.32 8.99 13.65
N THR C 16 12.66 10.13 13.75
CA THR C 16 13.01 11.30 12.97
C THR C 16 14.25 11.99 13.53
N MET C 17 14.49 11.76 14.82
CA MET C 17 15.58 12.39 15.57
C MET C 17 15.49 13.91 15.61
N ILE C 18 14.36 14.44 15.14
CA ILE C 18 14.06 15.85 15.33
C ILE C 18 13.69 16.06 16.79
N GLU C 19 14.40 16.97 17.47
CA GLU C 19 14.29 17.11 18.92
C GLU C 19 12.88 17.28 19.43
N GLY C 20 12.41 16.27 20.16
CA GLY C 20 11.11 16.32 20.81
C GLY C 20 9.98 15.70 20.01
N PHE C 21 10.22 15.40 18.74
CA PHE C 21 9.14 14.90 17.89
C PHE C 21 8.89 13.41 18.14
N ASP C 22 9.94 12.65 18.38
CA ASP C 22 9.80 11.22 18.64
C ASP C 22 9.10 10.96 19.97
N ASP C 23 9.03 12.00 20.80
CA ASP C 23 8.32 11.94 22.07
C ASP C 23 6.84 12.25 21.87
N ILE C 24 6.56 13.27 21.06
CA ILE C 24 5.17 13.65 20.78
C ILE C 24 4.47 12.59 19.94
N SER C 25 5.25 11.78 19.22
CA SER C 25 4.70 10.75 18.34
C SER C 25 4.96 9.34 18.86
N HIS C 26 5.53 9.24 20.05
CA HIS C 26 5.82 7.95 20.69
C HIS C 26 6.71 7.06 19.84
N GLY C 27 7.76 7.64 19.26
CA GLY C 27 8.72 6.85 18.50
C GLY C 27 9.18 7.49 17.19
N GLY C 28 8.32 8.30 16.60
CA GLY C 28 8.62 8.91 15.31
C GLY C 28 7.50 8.72 14.31
N LEU C 29 7.86 8.52 13.04
CA LEU C 29 6.87 8.38 11.98
C LEU C 29 6.62 6.91 11.66
N PRO C 30 5.35 6.55 11.43
CA PRO C 30 4.95 5.20 11.03
C PRO C 30 5.68 4.73 9.77
N GLN C 31 6.48 3.67 9.90
CA GLN C 31 7.25 3.16 8.76
C GLN C 31 6.36 2.66 7.62
N GLY C 32 6.85 2.83 6.39
CA GLY C 32 6.17 2.36 5.20
C GLY C 32 4.85 3.04 4.93
N ALA C 33 4.71 4.26 5.45
CA ALA C 33 3.50 5.03 5.25
C ALA C 33 3.83 6.47 4.91
N THR C 34 2.80 7.26 4.61
CA THR C 34 2.98 8.68 4.33
C THR C 34 2.39 9.52 5.45
N THR C 35 3.16 10.49 5.92
CA THR C 35 2.67 11.45 6.90
C THR C 35 2.59 12.82 6.26
N LEU C 36 1.40 13.40 6.25
CA LEU C 36 1.26 14.76 5.74
C LEU C 36 1.79 15.73 6.78
N VAL C 37 2.40 16.80 6.29
CA VAL C 37 2.88 17.87 7.15
C VAL C 37 2.31 19.16 6.58
N SER C 38 1.26 19.66 7.22
CA SER C 38 0.51 20.78 6.67
C SER C 38 0.77 22.05 7.46
N GLY C 39 0.64 23.18 6.78
CA GLY C 39 0.84 24.46 7.42
C GLY C 39 0.85 25.56 6.37
N THR C 40 0.63 26.79 6.81
CA THR C 40 0.71 27.93 5.92
C THR C 40 2.16 28.13 5.46
N SER C 41 2.37 29.06 4.53
CA SER C 41 3.72 29.39 4.09
C SER C 41 4.56 29.94 5.24
N GLY C 42 5.81 29.50 5.32
CA GLY C 42 6.72 29.99 6.34
C GLY C 42 6.55 29.35 7.70
N THR C 43 6.10 28.10 7.73
CA THR C 43 5.90 27.40 9.00
C THR C 43 6.97 26.35 9.29
N GLY C 44 7.87 26.13 8.34
CA GLY C 44 8.96 25.18 8.53
C GLY C 44 8.73 23.78 7.99
N LYS C 45 7.80 23.65 7.04
CA LYS C 45 7.52 22.36 6.40
C LYS C 45 8.75 21.83 5.66
N THR C 46 9.36 22.67 4.84
CA THR C 46 10.54 22.30 4.08
C THR C 46 11.70 21.91 4.99
N LEU C 47 11.86 22.66 6.08
CA LEU C 47 12.91 22.39 7.05
C LEU C 47 12.70 21.02 7.72
N PHE C 48 11.45 20.76 8.10
CA PHE C 48 11.07 19.45 8.63
C PHE C 48 11.37 18.34 7.65
N ALA C 49 10.99 18.55 6.39
CA ALA C 49 11.19 17.56 5.33
C ALA C 49 12.66 17.31 5.03
N VAL C 50 13.47 18.36 5.10
CA VAL C 50 14.91 18.25 4.87
C VAL C 50 15.59 17.55 6.05
N GLN C 51 15.24 17.96 7.27
CA GLN C 51 15.84 17.41 8.47
C GLN C 51 15.57 15.91 8.60
N PHE C 52 14.39 15.49 8.16
CA PHE C 52 14.00 14.09 8.18
C PHE C 52 15.00 13.23 7.43
N LEU C 53 15.37 13.68 6.23
CA LEU C 53 16.36 12.97 5.42
C LEU C 53 17.79 13.16 5.92
N TYR C 54 18.10 14.35 6.41
CA TYR C 54 19.46 14.65 6.86
C TYR C 54 19.86 13.76 8.04
N ASN C 55 18.94 13.62 9.00
CA ASN C 55 19.17 12.78 10.16
C ASN C 55 19.21 11.30 9.76
N GLY C 56 18.27 10.89 8.92
CA GLY C 56 18.23 9.54 8.40
C GLY C 56 19.54 9.09 7.76
N ILE C 57 20.20 10.03 7.07
CA ILE C 57 21.44 9.73 6.37
C ILE C 57 22.66 9.81 7.30
N THR C 58 22.74 10.89 8.09
CA THR C 58 23.93 11.14 8.90
C THR C 58 23.94 10.33 10.19
N ILE C 59 22.77 9.91 10.66
CA ILE C 59 22.68 9.18 11.92
C ILE C 59 22.40 7.68 11.72
N PHE C 60 21.59 7.35 10.73
CA PHE C 60 21.15 5.97 10.55
C PHE C 60 21.67 5.32 9.26
N ASN C 61 22.43 6.08 8.49
CA ASN C 61 22.93 5.63 7.19
C ASN C 61 21.79 5.08 6.32
N GLU C 62 20.64 5.75 6.39
CA GLU C 62 19.50 5.42 5.54
C GLU C 62 19.37 6.47 4.45
N PRO C 63 19.69 6.09 3.20
CA PRO C 63 19.65 7.06 2.11
C PRO C 63 18.25 7.62 1.90
N GLY C 64 18.17 8.83 1.35
CA GLY C 64 16.88 9.49 1.21
C GLY C 64 16.72 10.18 -0.13
N ILE C 65 15.48 10.25 -0.60
CA ILE C 65 15.16 11.03 -1.79
C ILE C 65 14.38 12.28 -1.42
N PHE C 66 14.81 13.42 -1.94
CA PHE C 66 14.05 14.66 -1.75
C PHE C 66 13.44 15.06 -3.08
N VAL C 67 12.12 14.99 -3.16
CA VAL C 67 11.41 15.37 -4.37
C VAL C 67 10.92 16.81 -4.27
N THR C 68 11.31 17.63 -5.24
CA THR C 68 10.98 19.05 -5.20
C THR C 68 10.12 19.49 -6.38
N PHE C 69 9.03 20.18 -6.07
CA PHE C 69 8.07 20.59 -7.09
C PHE C 69 8.13 22.08 -7.43
N GLU C 70 8.63 22.89 -6.51
CA GLU C 70 8.74 24.33 -6.77
C GLU C 70 10.19 24.83 -6.73
N GLU C 71 10.81 24.71 -5.57
CA GLU C 71 12.20 25.12 -5.40
C GLU C 71 13.15 24.35 -6.31
N SER C 72 14.15 25.05 -6.85
CA SER C 72 15.21 24.41 -7.61
C SER C 72 16.07 23.55 -6.69
N PRO C 73 16.71 22.51 -7.25
CA PRO C 73 17.62 21.69 -6.45
C PRO C 73 18.76 22.50 -5.84
N GLN C 74 19.25 23.50 -6.56
CA GLN C 74 20.37 24.31 -6.10
C GLN C 74 19.95 25.41 -5.12
N ASP C 75 18.65 25.66 -5.02
CA ASP C 75 18.15 26.57 -3.98
C ASP C 75 17.73 25.83 -2.72
N ILE C 76 17.53 24.53 -2.83
CA ILE C 76 17.32 23.68 -1.66
C ILE C 76 18.62 23.51 -0.90
N ILE C 77 19.69 23.23 -1.65
CA ILE C 77 21.02 22.98 -1.09
C ILE C 77 21.58 24.21 -0.37
N LYS C 78 21.19 25.40 -0.85
CA LYS C 78 21.73 26.65 -0.29
C LYS C 78 20.93 27.16 0.89
N ASN C 79 19.62 26.94 0.86
CA ASN C 79 18.75 27.27 1.99
C ASN C 79 18.93 26.30 3.14
N ALA C 80 19.42 25.11 2.81
CA ALA C 80 19.86 24.14 3.79
C ALA C 80 21.12 24.60 4.49
N LEU C 81 21.97 25.32 3.77
CA LEU C 81 23.21 25.86 4.35
C LEU C 81 22.92 26.86 5.44
N SER C 82 21.91 27.70 5.21
CA SER C 82 21.50 28.71 6.17
C SER C 82 20.99 28.07 7.46
N PHE C 83 20.61 26.81 7.38
CA PHE C 83 20.12 26.08 8.56
C PHE C 83 21.21 25.24 9.21
N GLY C 84 22.37 25.16 8.57
CA GLY C 84 23.49 24.46 9.19
C GLY C 84 23.75 23.09 8.60
N TRP C 85 23.23 22.84 7.40
CA TRP C 85 23.35 21.50 6.84
C TRP C 85 24.08 21.54 5.50
N ASN C 86 25.03 20.63 5.31
CA ASN C 86 25.74 20.54 4.05
C ASN C 86 25.20 19.35 3.26
N LEU C 87 24.26 19.63 2.36
CA LEU C 87 23.61 18.56 1.60
C LEU C 87 24.49 18.06 0.45
N GLN C 88 25.32 18.95 -0.09
CA GLN C 88 26.12 18.61 -1.26
C GLN C 88 27.16 17.52 -0.95
N SER C 89 27.64 17.51 0.29
CA SER C 89 28.54 16.45 0.73
C SER C 89 27.84 15.10 0.65
N LEU C 90 26.60 15.07 1.14
CA LEU C 90 25.80 13.85 1.14
C LEU C 90 25.42 13.43 -0.27
N ILE C 91 25.19 14.39 -1.15
CA ILE C 91 24.86 14.10 -2.54
C ILE C 91 26.03 13.44 -3.28
N ASP C 92 27.26 13.87 -2.97
CA ASP C 92 28.45 13.33 -3.61
C ASP C 92 28.86 11.97 -3.02
N GLN C 93 28.43 11.70 -1.79
CA GLN C 93 28.60 10.35 -1.24
C GLN C 93 27.55 9.41 -1.83
N GLY C 94 26.63 9.97 -2.62
CA GLY C 94 25.57 9.17 -3.22
C GLY C 94 24.54 8.68 -2.23
N LYS C 95 24.37 9.41 -1.13
CA LYS C 95 23.43 8.99 -0.10
C LYS C 95 22.16 9.84 -0.11
N LEU C 96 22.24 11.01 -0.75
CA LEU C 96 21.07 11.85 -0.93
C LEU C 96 20.92 12.20 -2.40
N PHE C 97 19.70 12.05 -2.90
CA PHE C 97 19.42 12.42 -4.28
C PHE C 97 18.25 13.39 -4.32
N ILE C 98 18.45 14.52 -4.97
CA ILE C 98 17.37 15.48 -5.15
C ILE C 98 16.76 15.31 -6.53
N LEU C 99 15.51 14.87 -6.56
CA LEU C 99 14.79 14.66 -7.80
C LEU C 99 14.09 15.95 -8.21
N ASP C 100 14.52 16.53 -9.33
CA ASP C 100 13.99 17.80 -9.78
C ASP C 100 12.68 17.60 -10.55
N ALA C 101 11.57 17.78 -9.83
CA ALA C 101 10.24 17.72 -10.44
C ALA C 101 9.66 19.12 -10.56
N SER C 102 10.53 20.12 -10.60
CA SER C 102 10.12 21.51 -10.76
C SER C 102 9.82 21.80 -12.23
N PRO C 103 9.07 22.88 -12.52
CA PRO C 103 8.65 23.14 -13.90
C PRO C 103 9.80 23.46 -14.85
N ASP C 104 9.55 23.22 -16.14
CA ASP C 104 10.48 23.60 -17.19
C ASP C 104 10.28 25.09 -17.44
N PRO C 105 11.35 25.89 -17.30
CA PRO C 105 11.18 27.35 -17.43
C PRO C 105 10.80 27.77 -18.85
N ASP C 106 11.10 26.93 -19.82
CA ASP C 106 10.73 27.22 -21.20
C ASP C 106 9.24 26.92 -21.46
N GLY C 107 8.55 26.36 -20.46
CA GLY C 107 7.11 26.20 -20.56
C GLY C 107 6.66 24.86 -21.12
N GLN C 108 5.46 24.40 -20.76
CA GLN C 108 5.01 23.18 -21.40
C GLN C 108 3.61 23.40 -21.93
N GLU C 109 3.44 23.22 -23.24
CA GLU C 109 2.13 23.35 -23.87
C GLU C 109 1.31 22.06 -23.68
N VAL C 110 0.04 22.20 -23.28
CA VAL C 110 -0.83 21.04 -23.06
C VAL C 110 -1.72 20.81 -24.27
N ALA C 111 -1.75 19.59 -24.77
CA ALA C 111 -2.51 19.30 -25.98
C ALA C 111 -3.27 17.99 -25.86
N GLY C 112 -3.80 17.71 -24.67
CA GLY C 112 -4.57 16.49 -24.47
C GLY C 112 -4.48 15.95 -23.06
N ASP C 113 -5.03 14.76 -22.86
CA ASP C 113 -5.06 14.14 -21.55
C ASP C 113 -3.74 13.46 -21.24
N PHE C 114 -3.46 13.33 -19.95
CA PHE C 114 -2.16 12.86 -19.50
C PHE C 114 -2.27 12.33 -18.08
N ASP C 115 -1.21 11.70 -17.61
CA ASP C 115 -1.09 11.33 -16.21
C ASP C 115 0.32 11.70 -15.76
N LEU C 116 0.69 11.29 -14.55
CA LEU C 116 2.02 11.58 -14.04
C LEU C 116 2.84 10.31 -13.85
N SER C 117 2.74 9.40 -14.82
CA SER C 117 3.40 8.10 -14.74
C SER C 117 4.92 8.23 -14.70
N ALA C 118 5.46 9.13 -15.52
CA ALA C 118 6.89 9.36 -15.58
C ALA C 118 7.44 9.82 -14.23
N LEU C 119 6.70 10.70 -13.55
CA LEU C 119 7.05 11.15 -12.21
C LEU C 119 7.16 9.99 -11.21
N ILE C 120 6.15 9.13 -11.20
CA ILE C 120 6.13 7.99 -10.29
C ILE C 120 7.27 7.02 -10.59
N GLU C 121 7.52 6.75 -11.87
CA GLU C 121 8.60 5.83 -12.25
C GLU C 121 9.98 6.42 -11.97
N ARG C 122 10.14 7.72 -12.18
CA ARG C 122 11.38 8.40 -11.82
C ARG C 122 11.68 8.27 -10.33
N ILE C 123 10.64 8.44 -9.52
CA ILE C 123 10.77 8.35 -8.07
C ILE C 123 11.11 6.93 -7.63
N GLN C 124 10.36 5.95 -8.14
CA GLN C 124 10.63 4.54 -7.84
C GLN C 124 12.04 4.12 -8.27
N TYR C 125 12.46 4.58 -9.44
CA TYR C 125 13.76 4.23 -9.96
C TYR C 125 14.88 4.80 -9.10
N ALA C 126 14.70 6.05 -8.70
CA ALA C 126 15.68 6.73 -7.84
C ALA C 126 15.77 6.04 -6.50
N ILE C 127 14.62 5.64 -5.98
CA ILE C 127 14.54 4.91 -4.71
C ILE C 127 15.37 3.63 -4.76
N ARG C 128 15.28 2.94 -5.89
CA ARG C 128 15.97 1.66 -6.07
C ARG C 128 17.44 1.85 -6.43
N LYS C 129 17.74 2.94 -7.14
CA LYS C 129 19.11 3.22 -7.56
C LYS C 129 20.00 3.63 -6.39
N TYR C 130 19.45 4.43 -5.49
CA TYR C 130 20.20 4.92 -4.34
C TYR C 130 19.87 4.12 -3.07
N LYS C 131 19.00 3.12 -3.23
CA LYS C 131 18.62 2.24 -2.12
C LYS C 131 18.07 3.04 -0.94
N ALA C 132 17.21 4.01 -1.24
CA ALA C 132 16.67 4.90 -0.24
C ALA C 132 15.54 4.24 0.55
N THR C 133 15.43 4.59 1.83
CA THR C 133 14.35 4.09 2.67
C THR C 133 13.47 5.25 3.19
N ARG C 134 13.92 6.47 2.92
CA ARG C 134 13.15 7.66 3.30
C ARG C 134 12.95 8.59 2.11
N VAL C 135 11.73 9.11 1.96
CA VAL C 135 11.44 10.03 0.87
C VAL C 135 10.74 11.28 1.39
N SER C 136 11.18 12.44 0.93
CA SER C 136 10.50 13.70 1.25
C SER C 136 9.98 14.37 -0.03
N ILE C 137 8.75 14.84 0.02
CA ILE C 137 8.11 15.46 -1.14
C ILE C 137 7.57 16.85 -0.80
N ASP C 138 8.17 17.88 -1.39
CA ASP C 138 7.86 19.27 -1.01
C ASP C 138 7.81 20.22 -2.21
N SER C 139 6.66 20.84 -2.46
CA SER C 139 5.44 20.62 -1.69
C SER C 139 4.35 20.18 -2.65
N VAL C 140 3.70 19.07 -2.31
CA VAL C 140 2.76 18.41 -3.22
C VAL C 140 1.64 19.33 -3.75
N THR C 141 1.34 20.39 -3.00
CA THR C 141 0.34 21.37 -3.44
C THR C 141 0.79 22.19 -4.64
N ALA C 142 2.10 22.33 -4.81
CA ALA C 142 2.67 23.07 -5.94
C ALA C 142 2.30 22.43 -7.27
N VAL C 143 2.21 21.10 -7.28
CA VAL C 143 1.83 20.35 -8.48
C VAL C 143 0.49 20.83 -9.04
N PHE C 144 -0.46 21.06 -8.15
CA PHE C 144 -1.80 21.50 -8.50
C PHE C 144 -1.88 22.83 -9.25
N GLN C 145 -0.84 23.65 -9.18
CA GLN C 145 -0.90 24.96 -9.82
C GLN C 145 -0.18 25.00 -11.17
N GLN C 146 0.51 23.92 -11.52
CA GLN C 146 1.22 23.87 -12.80
C GLN C 146 0.47 22.97 -13.79
N TYR C 147 -0.56 22.30 -13.27
CA TYR C 147 -1.52 21.61 -14.11
C TYR C 147 -2.86 21.92 -13.47
N ASP C 148 -3.87 22.24 -14.27
CA ASP C 148 -5.16 22.61 -13.68
C ASP C 148 -6.15 21.47 -13.82
N ALA C 149 -5.70 20.38 -14.43
CA ALA C 149 -6.46 19.15 -14.45
C ALA C 149 -6.34 18.54 -13.05
N ALA C 150 -6.88 19.25 -12.06
CA ALA C 150 -6.77 18.89 -10.65
C ALA C 150 -7.17 17.44 -10.39
N SER C 151 -8.05 16.91 -11.23
CA SER C 151 -8.59 15.58 -11.02
C SER C 151 -7.59 14.48 -11.36
N VAL C 152 -6.73 14.72 -12.34
CA VAL C 152 -5.69 13.74 -12.64
C VAL C 152 -4.52 13.94 -11.69
N VAL C 153 -4.20 15.19 -11.37
CA VAL C 153 -3.13 15.51 -10.43
C VAL C 153 -3.43 14.89 -9.07
N ARG C 154 -4.66 15.08 -8.61
CA ARG C 154 -5.14 14.51 -7.35
C ARG C 154 -4.99 12.99 -7.39
N ARG C 155 -5.52 12.39 -8.45
CA ARG C 155 -5.41 10.95 -8.68
C ARG C 155 -3.98 10.43 -8.69
N GLU C 156 -3.08 11.14 -9.35
CA GLU C 156 -1.69 10.70 -9.47
C GLU C 156 -0.92 10.74 -8.15
N ILE C 157 -1.21 11.73 -7.32
CA ILE C 157 -0.57 11.85 -6.01
C ILE C 157 -0.99 10.69 -5.11
N PHE C 158 -2.27 10.31 -5.21
CA PHE C 158 -2.79 9.16 -4.49
C PHE C 158 -2.10 7.88 -4.96
N ARG C 159 -2.01 7.73 -6.29
CA ARG C 159 -1.36 6.56 -6.88
C ARG C 159 0.10 6.51 -6.47
N LEU C 160 0.72 7.68 -6.34
CA LEU C 160 2.09 7.79 -5.86
C LEU C 160 2.22 7.30 -4.41
N ALA C 161 1.29 7.73 -3.56
CA ALA C 161 1.25 7.30 -2.18
C ALA C 161 1.11 5.78 -2.09
N PHE C 162 0.22 5.23 -2.91
CA PHE C 162 0.02 3.80 -3.00
C PHE C 162 1.33 3.09 -3.36
N ARG C 163 2.05 3.63 -4.34
CA ARG C 163 3.31 3.03 -4.78
C ARG C 163 4.40 3.12 -3.72
N LEU C 164 4.51 4.27 -3.06
CA LEU C 164 5.49 4.47 -2.01
C LEU C 164 5.28 3.48 -0.86
N ALA C 165 4.02 3.20 -0.56
CA ALA C 165 3.67 2.23 0.46
C ALA C 165 4.17 0.84 0.06
N GLN C 166 3.88 0.45 -1.18
CA GLN C 166 4.28 -0.84 -1.71
C GLN C 166 5.80 -1.01 -1.75
N LEU C 167 6.52 0.08 -1.99
CA LEU C 167 7.98 0.03 -2.02
C LEU C 167 8.58 -0.03 -0.62
N GLY C 168 7.72 0.02 0.40
CA GLY C 168 8.17 -0.08 1.78
C GLY C 168 9.02 1.11 2.19
N VAL C 169 8.55 2.31 1.87
CA VAL C 169 9.32 3.52 2.10
C VAL C 169 8.56 4.47 3.03
N THR C 170 9.28 5.14 3.91
CA THR C 170 8.68 6.13 4.81
C THR C 170 8.70 7.49 4.15
N THR C 171 7.55 8.18 4.13
CA THR C 171 7.39 9.37 3.31
C THR C 171 6.75 10.56 4.03
N ILE C 172 7.31 11.75 3.79
CA ILE C 172 6.69 12.99 4.23
C ILE C 172 6.22 13.81 3.03
N MET C 173 4.96 14.26 3.06
CA MET C 173 4.45 15.17 2.05
C MET C 173 4.05 16.50 2.68
N THR C 174 4.71 17.58 2.25
CA THR C 174 4.37 18.90 2.76
C THR C 174 3.25 19.51 1.92
N THR C 175 2.35 20.23 2.57
CA THR C 175 1.19 20.80 1.92
C THR C 175 0.79 22.12 2.56
N GLU C 176 0.31 23.06 1.75
CA GLU C 176 -0.14 24.35 2.27
C GLU C 176 -1.42 24.22 3.10
N GLY C 188 -5.74 22.23 -4.98
CA GLY C 188 -6.49 21.15 -4.38
C GLY C 188 -5.94 20.72 -3.04
N VAL C 189 -6.60 19.75 -2.40
CA VAL C 189 -6.13 19.21 -1.14
C VAL C 189 -6.33 17.68 -1.10
N GLU C 190 -5.30 17.00 -0.58
CA GLU C 190 -5.18 15.56 -0.63
C GLU C 190 -5.69 14.81 0.59
N GLU C 191 -7.01 14.65 0.69
CA GLU C 191 -7.59 13.98 1.86
C GLU C 191 -7.90 12.50 1.61
N PHE C 192 -6.99 11.79 0.96
CA PHE C 192 -7.16 10.36 0.71
C PHE C 192 -6.22 9.57 1.60
N VAL C 193 -4.93 9.91 1.51
CA VAL C 193 -3.90 9.32 2.35
C VAL C 193 -4.24 9.59 3.82
N SER C 194 -4.69 10.81 4.09
CA SER C 194 -5.46 11.17 5.29
C SER C 194 -5.04 10.60 6.65
N ASP C 195 -4.37 9.45 6.67
CA ASP C 195 -4.17 8.67 7.89
C ASP C 195 -3.26 9.39 8.88
N ASN C 196 -2.16 9.95 8.39
CA ASN C 196 -1.18 10.58 9.27
C ASN C 196 -0.99 12.06 8.93
N VAL C 197 -1.48 12.93 9.81
CA VAL C 197 -1.43 14.37 9.56
C VAL C 197 -0.74 15.14 10.69
N VAL C 198 0.23 15.96 10.31
CA VAL C 198 0.90 16.86 11.24
C VAL C 198 0.71 18.30 10.80
N ILE C 199 0.32 19.18 11.73
CA ILE C 199 0.06 20.57 11.41
C ILE C 199 1.12 21.50 12.00
N LEU C 200 1.55 22.47 11.19
CA LEU C 200 2.49 23.49 11.64
C LEU C 200 1.82 24.85 11.54
N ARG C 201 1.78 25.59 12.65
CA ARG C 201 1.18 26.90 12.63
C ARG C 201 2.20 27.97 13.00
N ASN C 202 1.98 29.18 12.51
CA ASN C 202 2.86 30.30 12.80
C ASN C 202 2.02 31.55 13.00
N VAL C 203 1.72 31.87 14.25
CA VAL C 203 0.77 32.95 14.50
C VAL C 203 1.33 34.03 15.46
N LEU C 204 0.66 35.18 15.41
CA LEU C 204 0.91 36.37 16.22
C LEU C 204 0.31 36.24 17.62
N GLU C 205 1.08 35.72 18.59
CA GLU C 205 0.58 35.71 19.96
C GLU C 205 0.95 37.03 20.64
N GLY C 206 1.05 38.09 19.83
CA GLY C 206 1.22 39.45 20.33
C GLY C 206 2.53 40.10 19.93
N GLU C 207 3.24 40.55 20.96
CA GLU C 207 4.66 40.85 20.92
C GLU C 207 5.31 39.98 19.85
N ARG C 208 5.53 38.71 20.19
CA ARG C 208 6.38 37.83 19.41
C ARG C 208 5.57 36.71 18.77
N ARG C 209 5.97 36.29 17.57
CA ARG C 209 5.40 35.11 16.93
C ARG C 209 5.66 33.83 17.75
N ARG C 210 4.68 32.92 17.75
CA ARG C 210 4.87 31.59 18.35
C ARG C 210 4.65 30.49 17.34
N ARG C 211 5.61 29.58 17.22
CA ARG C 211 5.50 28.46 16.30
C ARG C 211 5.12 27.19 17.05
N THR C 212 4.16 26.46 16.49
CA THR C 212 3.66 25.26 17.14
C THR C 212 3.42 24.09 16.17
N VAL C 213 3.51 22.87 16.72
CA VAL C 213 3.27 21.65 15.95
C VAL C 213 2.19 20.77 16.60
N GLU C 214 1.26 20.27 15.79
CA GLU C 214 0.21 19.40 16.28
C GLU C 214 0.10 18.11 15.47
N ILE C 215 0.05 16.98 16.17
CA ILE C 215 -0.20 15.70 15.51
C ILE C 215 -1.71 15.49 15.46
N LEU C 216 -2.32 16.02 14.40
CA LEU C 216 -3.76 16.03 14.24
C LEU C 216 -4.34 14.63 14.05
N LYS C 217 -3.53 13.74 13.47
CA LYS C 217 -4.04 12.44 13.05
C LYS C 217 -2.87 11.44 12.92
N LEU C 218 -3.01 10.27 13.53
CA LEU C 218 -1.97 9.26 13.45
C LEU C 218 -2.54 7.84 13.57
N ARG C 219 -3.38 7.46 12.61
CA ARG C 219 -4.24 6.27 12.70
C ARG C 219 -3.59 5.00 13.26
N GLY C 220 -4.27 4.39 14.23
CA GLY C 220 -3.89 3.10 14.78
C GLY C 220 -2.85 3.11 15.88
N THR C 221 -2.52 4.27 16.42
CA THR C 221 -1.53 4.35 17.49
C THR C 221 -1.67 5.62 18.32
N THR C 222 -0.95 5.66 19.44
CA THR C 222 -1.07 6.76 20.40
C THR C 222 -0.09 7.89 20.13
N HIS C 223 -0.49 9.11 20.48
CA HIS C 223 0.33 10.30 20.32
C HIS C 223 -0.13 11.40 21.27
N MET C 224 0.77 12.30 21.62
CA MET C 224 0.42 13.45 22.47
C MET C 224 -0.56 14.39 21.80
N LYS C 225 -1.50 14.87 22.60
CA LYS C 225 -2.65 15.64 22.12
C LYS C 225 -2.39 17.14 22.15
N GLY C 226 -2.88 17.85 21.14
CA GLY C 226 -2.81 19.30 21.16
C GLY C 226 -1.66 19.92 20.40
N GLU C 227 -1.61 21.25 20.45
CA GLU C 227 -0.52 22.03 19.88
C GLU C 227 0.66 22.10 20.85
N TYR C 228 1.88 22.07 20.33
CA TYR C 228 3.08 22.20 21.17
C TYR C 228 4.09 23.12 20.49
N PRO C 229 4.85 23.88 21.29
CA PRO C 229 5.76 24.88 20.72
C PRO C 229 7.13 24.32 20.34
N PHE C 230 7.77 24.96 19.37
CA PHE C 230 9.12 24.62 18.95
C PHE C 230 9.88 25.85 18.47
N THR C 231 11.21 25.79 18.50
CA THR C 231 12.04 26.88 18.00
C THR C 231 12.86 26.41 16.81
N ILE C 232 13.27 27.35 15.96
CA ILE C 232 14.10 27.02 14.81
C ILE C 232 15.56 27.36 15.11
N ASN C 233 16.30 26.35 15.56
CA ASN C 233 17.72 26.50 15.82
C ASN C 233 18.43 25.30 15.20
N ASN C 234 18.96 25.50 14.00
CA ASN C 234 19.62 24.43 13.23
C ASN C 234 18.74 23.21 13.18
N GLY C 235 17.48 23.39 12.76
CA GLY C 235 16.50 22.33 12.79
C GLY C 235 15.33 22.69 13.66
N ILE C 236 14.36 21.78 13.75
CA ILE C 236 13.20 21.97 14.62
C ILE C 236 13.52 21.48 16.04
N ASN C 237 13.19 22.28 17.04
CA ASN C 237 13.47 21.92 18.43
C ASN C 237 12.22 22.05 19.29
N ILE C 238 11.60 20.91 19.58
CA ILE C 238 10.35 20.90 20.35
C ILE C 238 10.64 20.79 21.85
N PHE C 239 9.83 21.51 22.62
CA PHE C 239 9.94 21.56 24.07
C PHE C 239 8.51 21.67 24.57
N ASP C 240 8.33 21.77 25.88
CA ASP C 240 6.99 21.88 26.45
C ASP C 240 6.15 20.63 26.19
N TYR C 241 6.52 19.52 26.81
CA TYR C 241 5.73 18.28 26.72
C TYR C 241 5.97 17.38 27.92
N LYS D 6 13.06 17.78 -42.35
CA LYS D 6 13.77 18.98 -42.79
C LYS D 6 14.48 19.84 -41.71
N THR D 7 14.88 19.33 -40.53
CA THR D 7 14.88 17.92 -40.11
C THR D 7 14.26 17.82 -38.73
N ALA D 8 13.45 16.78 -38.49
CA ALA D 8 12.79 16.64 -37.20
C ALA D 8 13.34 15.49 -36.37
N VAL D 9 13.69 15.80 -35.12
CA VAL D 9 14.08 14.78 -34.15
C VAL D 9 13.20 14.85 -32.91
N LEU D 10 12.38 13.81 -32.70
CA LEU D 10 11.38 13.83 -31.64
C LEU D 10 11.50 12.62 -30.73
N LYS D 11 11.22 12.83 -29.44
CA LYS D 11 11.12 11.75 -28.49
C LYS D 11 9.72 11.74 -27.88
N LEU D 12 9.08 10.58 -27.91
CA LEU D 12 7.76 10.44 -27.32
C LEU D 12 7.81 9.53 -26.10
N TYR D 13 7.55 10.12 -24.94
CA TYR D 13 7.56 9.36 -23.70
C TYR D 13 6.16 8.83 -23.42
N VAL D 14 6.06 7.51 -23.28
CA VAL D 14 4.76 6.87 -23.09
C VAL D 14 4.76 6.04 -21.80
N ALA D 15 3.58 5.55 -21.43
CA ALA D 15 3.44 4.72 -20.26
C ALA D 15 2.78 3.39 -20.61
N GLY D 16 3.60 2.37 -20.90
CA GLY D 16 3.09 1.06 -21.27
C GLY D 16 2.21 1.13 -22.51
N ASN D 17 1.07 0.47 -22.44
CA ASN D 17 0.09 0.47 -23.53
C ASN D 17 -1.18 1.15 -23.05
N THR D 18 -1.00 2.27 -22.34
CA THR D 18 -2.12 3.12 -21.93
C THR D 18 -2.76 3.77 -23.15
N PRO D 19 -4.11 3.86 -23.16
CA PRO D 19 -4.90 4.41 -24.26
C PRO D 19 -4.45 5.82 -24.71
N ASN D 20 -4.08 6.67 -23.75
CA ASN D 20 -3.59 8.00 -24.07
C ASN D 20 -2.29 7.93 -24.86
N SER D 21 -1.41 7.01 -24.45
CA SER D 21 -0.12 6.83 -25.10
C SER D 21 -0.27 6.23 -26.49
N VAL D 22 -1.17 5.26 -26.62
CA VAL D 22 -1.45 4.62 -27.90
C VAL D 22 -2.02 5.64 -28.89
N ARG D 23 -2.89 6.50 -28.37
CA ARG D 23 -3.53 7.52 -29.19
C ARG D 23 -2.51 8.56 -29.67
N ALA D 24 -1.63 8.99 -28.77
CA ALA D 24 -0.60 9.97 -29.11
C ALA D 24 0.35 9.47 -30.20
N LEU D 25 0.77 8.22 -30.09
CA LEU D 25 1.66 7.62 -31.08
C LEU D 25 0.99 7.52 -32.45
N LYS D 26 -0.28 7.11 -32.44
CA LYS D 26 -1.06 6.99 -33.66
C LYS D 26 -1.19 8.34 -34.35
N THR D 27 -1.59 9.36 -33.60
CA THR D 27 -1.72 10.71 -34.12
C THR D 27 -0.42 11.27 -34.70
N LEU D 28 0.64 11.25 -33.88
CA LEU D 28 1.92 11.83 -34.25
C LEU D 28 2.50 11.16 -35.50
N ASN D 29 2.31 9.86 -35.61
CA ASN D 29 2.77 9.10 -36.76
C ASN D 29 2.05 9.48 -38.05
N ASN D 30 0.73 9.70 -37.98
CA ASN D 30 -0.03 10.05 -39.17
C ASN D 30 0.31 11.46 -39.63
N ILE D 31 0.61 12.34 -38.69
CA ILE D 31 1.05 13.69 -39.01
C ILE D 31 2.41 13.64 -39.70
N LEU D 32 3.31 12.82 -39.17
CA LEU D 32 4.67 12.72 -39.68
C LEU D 32 4.76 12.05 -41.05
N GLU D 33 3.95 11.01 -41.25
CA GLU D 33 4.01 10.22 -42.47
C GLU D 33 3.22 10.84 -43.62
N LYS D 34 2.29 11.74 -43.29
CA LYS D 34 1.40 12.27 -44.31
C LYS D 34 1.46 13.80 -44.46
N GLU D 35 1.49 14.54 -43.35
CA GLU D 35 1.44 16.00 -43.45
C GLU D 35 2.84 16.61 -43.26
N PHE D 36 3.78 15.78 -42.84
CA PHE D 36 5.17 16.20 -42.74
C PHE D 36 5.99 15.41 -43.77
N LYS D 37 6.87 16.10 -44.47
CA LYS D 37 7.93 15.43 -45.21
C LYS D 37 9.19 16.29 -45.13
N GLY D 38 10.32 15.61 -45.23
CA GLY D 38 11.60 16.09 -44.77
C GLY D 38 12.00 14.90 -43.91
N VAL D 39 13.23 14.84 -43.44
CA VAL D 39 13.62 13.65 -42.70
C VAL D 39 13.30 13.77 -41.22
N TYR D 40 12.85 12.66 -40.62
CA TYR D 40 12.55 12.67 -39.19
C TYR D 40 12.89 11.35 -38.53
N ALA D 41 13.16 11.43 -37.23
CA ALA D 41 13.35 10.25 -36.41
C ALA D 41 12.54 10.39 -35.13
N LEU D 42 11.57 9.51 -34.94
CA LEU D 42 10.73 9.55 -33.75
C LEU D 42 11.08 8.38 -32.83
N LYS D 43 11.67 8.70 -31.67
CA LYS D 43 12.00 7.67 -30.69
C LYS D 43 10.92 7.56 -29.63
N VAL D 44 10.38 6.35 -29.48
CA VAL D 44 9.33 6.07 -28.52
C VAL D 44 9.90 5.40 -27.29
N ILE D 45 9.69 6.04 -26.14
CA ILE D 45 10.30 5.57 -24.91
C ILE D 45 9.26 5.22 -23.85
N ASP D 46 9.33 3.99 -23.35
CA ASP D 46 8.47 3.55 -22.25
C ASP D 46 9.13 3.88 -20.92
N VAL D 47 8.54 4.79 -20.17
CA VAL D 47 9.08 5.20 -18.87
C VAL D 47 9.08 4.05 -17.86
N LEU D 48 8.21 3.07 -18.06
CA LEU D 48 8.23 1.87 -17.24
C LEU D 48 9.44 0.98 -17.55
N LYS D 49 10.07 1.21 -18.69
CA LYS D 49 11.22 0.41 -19.08
C LYS D 49 12.51 1.22 -19.07
N ASN D 50 12.42 2.51 -19.39
CA ASN D 50 13.59 3.39 -19.35
C ASN D 50 13.35 4.66 -18.54
N PRO D 51 13.11 4.52 -17.21
CA PRO D 51 12.86 5.68 -16.35
C PRO D 51 14.02 6.68 -16.34
N GLN D 52 15.25 6.18 -16.38
CA GLN D 52 16.43 7.04 -16.37
C GLN D 52 16.44 8.04 -17.54
N LEU D 53 15.94 7.60 -18.69
CA LEU D 53 15.78 8.51 -19.83
C LEU D 53 14.77 9.61 -19.50
N ALA D 54 13.75 9.25 -18.73
CA ALA D 54 12.76 10.22 -18.28
C ALA D 54 13.36 11.13 -17.22
N GLU D 55 14.35 10.62 -16.50
CA GLU D 55 15.05 11.41 -15.50
C GLU D 55 15.96 12.44 -16.17
N GLU D 56 16.61 12.03 -17.26
CA GLU D 56 17.49 12.92 -18.00
C GLU D 56 16.75 14.12 -18.58
N ASP D 57 15.57 13.87 -19.11
CA ASP D 57 14.80 14.91 -19.80
C ASP D 57 13.80 15.59 -18.88
N LYS D 58 13.83 15.21 -17.61
CA LYS D 58 12.90 15.73 -16.61
C LYS D 58 11.46 15.59 -17.07
N ILE D 59 11.09 14.37 -17.45
CA ILE D 59 9.73 14.08 -17.87
C ILE D 59 8.85 13.86 -16.65
N LEU D 60 7.67 14.47 -16.65
CA LEU D 60 6.72 14.27 -15.56
C LEU D 60 5.45 13.60 -16.06
N ALA D 61 4.93 14.07 -17.19
CA ALA D 61 3.66 13.56 -17.68
C ALA D 61 3.85 12.58 -18.84
N THR D 62 2.90 11.65 -18.97
CA THR D 62 2.83 10.78 -20.12
C THR D 62 1.42 10.84 -20.72
N PRO D 63 1.33 10.91 -22.06
CA PRO D 63 2.50 10.99 -22.94
C PRO D 63 3.11 12.39 -22.98
N THR D 64 4.40 12.46 -23.27
CA THR D 64 5.10 13.72 -23.46
C THR D 64 5.84 13.73 -24.79
N LEU D 65 5.68 14.82 -25.54
CA LEU D 65 6.38 14.97 -26.81
C LEU D 65 7.52 15.97 -26.67
N ALA D 66 8.75 15.47 -26.77
CA ALA D 66 9.93 16.34 -26.67
C ALA D 66 10.57 16.54 -28.04
N LYS D 67 10.39 17.73 -28.60
CA LYS D 67 11.00 18.08 -29.87
C LYS D 67 12.43 18.56 -29.70
N VAL D 68 13.37 17.86 -30.31
CA VAL D 68 14.78 18.26 -30.29
C VAL D 68 15.09 19.16 -31.49
N LEU D 69 14.70 18.70 -32.68
CA LEU D 69 14.79 19.49 -33.89
C LEU D 69 13.43 19.46 -34.61
N PRO D 70 13.06 20.57 -35.26
CA PRO D 70 13.77 21.84 -35.43
C PRO D 70 13.71 22.72 -34.18
N PRO D 71 14.64 23.68 -34.06
CA PRO D 71 14.68 24.56 -32.88
C PRO D 71 13.47 25.49 -32.81
N PRO D 72 13.10 25.93 -31.58
CA PRO D 72 13.79 25.60 -30.33
C PRO D 72 13.25 24.32 -29.68
N VAL D 73 14.03 23.73 -28.79
CA VAL D 73 13.59 22.54 -28.07
C VAL D 73 12.35 22.88 -27.24
N ARG D 74 11.27 22.12 -27.45
CA ARG D 74 10.01 22.39 -26.76
C ARG D 74 9.26 21.10 -26.39
N ARG D 75 8.45 21.19 -25.34
CA ARG D 75 7.70 20.04 -24.87
C ARG D 75 6.17 20.17 -24.99
N ILE D 76 5.54 19.08 -25.39
CA ILE D 76 4.09 18.98 -25.45
C ILE D 76 3.61 17.75 -24.67
N ILE D 77 2.69 17.95 -23.72
CA ILE D 77 2.18 16.83 -22.95
C ILE D 77 0.74 16.55 -23.34
N GLY D 78 0.34 15.28 -23.26
CA GLY D 78 -1.02 14.89 -23.58
C GLY D 78 -1.11 13.97 -24.78
N ASP D 79 -2.31 13.43 -25.01
CA ASP D 79 -2.53 12.44 -26.06
C ASP D 79 -2.57 13.03 -27.47
N LEU D 80 -2.32 14.33 -27.57
CA LEU D 80 -2.19 15.03 -28.85
C LEU D 80 -3.53 15.16 -29.58
N SER D 81 -4.61 15.33 -28.82
CA SER D 81 -5.93 15.56 -29.41
C SER D 81 -5.98 16.93 -30.08
N ASN D 82 -5.43 17.95 -29.40
CA ASN D 82 -5.32 19.29 -29.98
C ASN D 82 -4.12 19.31 -30.92
N ARG D 83 -4.34 18.81 -32.13
CA ARG D 83 -3.27 18.61 -33.10
C ARG D 83 -2.64 19.94 -33.54
N GLU D 84 -3.40 21.02 -33.44
CA GLU D 84 -2.92 22.36 -33.81
C GLU D 84 -1.55 22.67 -33.20
N LYS D 85 -1.40 22.39 -31.91
CA LYS D 85 -0.13 22.60 -31.22
C LYS D 85 1.00 21.72 -31.75
N VAL D 86 0.64 20.58 -32.32
CA VAL D 86 1.64 19.67 -32.87
C VAL D 86 2.10 20.13 -34.25
N LEU D 87 1.18 20.64 -35.05
CA LEU D 87 1.50 21.16 -36.38
C LEU D 87 2.43 22.37 -36.32
N ILE D 88 2.13 23.32 -35.43
CA ILE D 88 2.93 24.53 -35.29
C ILE D 88 4.36 24.19 -34.83
N ALA D 89 4.47 23.22 -33.95
CA ALA D 89 5.77 22.82 -33.41
C ALA D 89 6.61 22.19 -34.52
N LEU D 90 5.95 21.44 -35.38
CA LEU D 90 6.59 20.84 -36.56
C LEU D 90 6.73 21.82 -37.73
N ARG D 91 6.40 23.08 -37.49
CA ARG D 91 6.57 24.19 -38.46
C ARG D 91 5.53 24.21 -39.57
N LEU D 92 4.59 23.28 -39.56
CA LEU D 92 3.59 23.21 -40.62
C LEU D 92 2.55 24.31 -40.48
N ASP E 12 -9.22 -22.66 26.45
CA ASP E 12 -9.77 -22.43 27.79
C ASP E 12 -10.91 -21.43 27.69
N PRO E 13 -12.11 -21.81 28.19
CA PRO E 13 -13.27 -20.92 28.19
C PRO E 13 -13.02 -19.64 28.98
N GLN E 14 -12.05 -19.70 29.89
CA GLN E 14 -11.62 -18.55 30.68
C GLN E 14 -10.87 -17.52 29.83
N HIS E 15 -10.04 -18.00 28.90
CA HIS E 15 -9.30 -17.14 27.98
C HIS E 15 -10.23 -16.58 26.91
N ARG E 16 -11.35 -17.26 26.72
CA ARG E 16 -12.29 -16.90 25.66
C ARG E 16 -13.38 -15.96 26.17
N LEU E 17 -13.52 -15.92 27.49
CA LEU E 17 -14.33 -14.89 28.13
C LEU E 17 -13.54 -13.59 28.21
N SER E 18 -12.25 -13.73 28.44
CA SER E 18 -11.36 -12.59 28.58
C SER E 18 -11.24 -11.84 27.27
N GLN E 19 -11.01 -12.58 26.19
CA GLN E 19 -10.89 -11.98 24.87
C GLN E 19 -12.21 -11.40 24.39
N LYS E 20 -13.31 -12.03 24.78
CA LYS E 20 -14.63 -11.52 24.48
C LYS E 20 -14.90 -10.17 25.14
N LEU E 21 -14.45 -10.02 26.38
CA LEU E 21 -14.61 -8.76 27.10
C LEU E 21 -13.76 -7.66 26.48
N LYS E 22 -12.57 -8.00 26.00
CA LYS E 22 -11.76 -7.00 25.32
C LYS E 22 -12.41 -6.57 24.00
N GLU E 23 -13.10 -7.49 23.34
CA GLU E 23 -13.71 -7.19 22.07
C GLU E 23 -14.98 -6.36 22.20
N ARG E 24 -15.85 -6.75 23.12
CA ARG E 24 -17.16 -6.11 23.24
C ARG E 24 -17.26 -4.96 24.24
N LEU E 25 -16.25 -4.76 25.06
CA LEU E 25 -16.36 -3.74 26.10
C LEU E 25 -15.44 -2.55 25.86
N GLY E 26 -15.42 -1.62 26.79
CA GLY E 26 -14.63 -0.41 26.64
C GLY E 26 -15.24 0.53 25.62
N TYR E 27 -16.51 0.87 25.79
CA TYR E 27 -17.21 1.72 24.84
C TYR E 27 -16.70 3.15 25.03
N LEU E 28 -17.12 4.04 24.15
CA LEU E 28 -16.70 5.43 24.24
C LEU E 28 -17.51 6.06 25.36
N GLY E 29 -18.83 5.97 25.25
CA GLY E 29 -19.72 6.51 26.26
C GLY E 29 -21.16 6.05 26.19
N VAL E 30 -21.86 6.14 27.31
CA VAL E 30 -23.28 5.81 27.38
C VAL E 30 -24.01 7.06 27.84
N TYR E 31 -24.87 7.59 26.98
CA TYR E 31 -25.73 8.68 27.41
C TYR E 31 -27.09 8.08 27.78
N TYR E 32 -27.77 8.69 28.74
CA TYR E 32 -28.95 8.03 29.30
C TYR E 32 -29.89 8.94 30.08
N LYS E 33 -31.14 8.50 30.17
CA LYS E 33 -32.14 9.13 31.01
C LYS E 33 -32.98 8.05 31.70
N ARG E 34 -32.93 7.98 33.03
CA ARG E 34 -33.76 6.98 33.70
C ARG E 34 -34.92 7.64 34.45
N ASP E 35 -35.99 6.88 34.64
CA ASP E 35 -37.15 7.32 35.41
C ASP E 35 -37.19 6.58 36.75
N THR E 36 -37.11 7.32 37.85
CA THR E 36 -37.07 6.72 39.18
C THR E 36 -38.34 5.95 39.50
N ALA E 37 -39.46 6.35 38.88
CA ALA E 37 -40.73 5.68 39.09
C ALA E 37 -40.69 4.23 38.66
N PHE E 38 -39.79 3.92 37.74
CA PHE E 38 -39.69 2.58 37.18
C PHE E 38 -38.49 1.78 37.70
N PHE E 39 -37.90 2.25 38.79
CA PHE E 39 -36.85 1.50 39.47
C PHE E 39 -37.52 0.32 40.18
N PHE E 40 -36.85 -0.83 40.20
CA PHE E 40 -37.40 -2.03 40.85
C PHE E 40 -37.90 -1.77 42.27
N ARG E 41 -37.11 -1.04 43.05
CA ARG E 41 -37.45 -0.74 44.43
C ARG E 41 -38.70 0.13 44.58
N ARG E 42 -39.11 0.79 43.50
CA ARG E 42 -40.26 1.71 43.58
C ARG E 42 -41.49 1.18 42.84
N MET E 43 -41.45 -0.10 42.46
CA MET E 43 -42.54 -0.69 41.72
C MET E 43 -43.57 -1.33 42.65
N SER E 44 -44.81 -1.43 42.20
CA SER E 44 -45.83 -2.15 42.92
C SER E 44 -45.43 -3.62 43.03
N PRO E 45 -45.93 -4.33 44.05
CA PRO E 45 -45.58 -5.75 44.22
C PRO E 45 -45.89 -6.59 42.98
N ALA E 46 -46.84 -6.16 42.16
CA ALA E 46 -47.19 -6.87 40.95
C ALA E 46 -46.16 -6.59 39.85
N ASP E 47 -45.77 -5.33 39.73
CA ASP E 47 -44.76 -4.95 38.75
C ASP E 47 -43.38 -5.38 39.19
N LYS E 48 -43.17 -5.51 40.50
CA LYS E 48 -41.86 -5.96 40.94
C LYS E 48 -41.50 -7.36 40.46
N ARG E 49 -42.39 -8.33 40.65
CA ARG E 49 -42.02 -9.68 40.24
C ARG E 49 -42.26 -9.87 38.73
N LYS E 50 -43.10 -9.05 38.09
CA LYS E 50 -43.26 -9.14 36.63
C LYS E 50 -41.94 -8.78 35.96
N LEU E 51 -41.25 -7.78 36.50
CA LEU E 51 -39.93 -7.46 36.02
C LEU E 51 -39.01 -8.65 36.30
N LEU E 52 -39.14 -9.22 37.49
CA LEU E 52 -38.28 -10.31 37.93
C LEU E 52 -38.48 -11.59 37.10
N ASP E 53 -39.68 -11.84 36.60
CA ASP E 53 -39.90 -13.00 35.74
C ASP E 53 -39.25 -12.83 34.37
N GLU E 54 -39.25 -11.61 33.85
CA GLU E 54 -38.56 -11.30 32.61
C GLU E 54 -37.05 -11.50 32.69
N LEU E 55 -36.46 -11.01 33.78
CA LEU E 55 -35.03 -11.14 33.99
C LEU E 55 -34.64 -12.61 34.10
N ARG E 56 -35.44 -13.38 34.82
CA ARG E 56 -35.22 -14.82 34.96
C ARG E 56 -35.25 -15.52 33.61
N SER E 57 -36.26 -15.19 32.79
CA SER E 57 -36.42 -15.81 31.48
C SER E 57 -35.23 -15.53 30.57
N ILE E 58 -34.85 -14.26 30.49
CA ILE E 58 -33.72 -13.84 29.66
C ILE E 58 -32.42 -14.50 30.11
N TYR E 59 -32.15 -14.51 31.41
CA TYR E 59 -30.92 -15.11 31.93
C TYR E 59 -30.88 -16.60 31.69
N ARG E 60 -32.00 -17.25 31.93
CA ARG E 60 -32.18 -18.68 31.70
C ARG E 60 -31.99 -18.98 30.21
N THR E 61 -32.44 -18.06 29.36
CA THR E 61 -32.22 -18.17 27.93
C THR E 61 -30.74 -18.03 27.59
N ILE E 62 -30.08 -17.07 28.22
CA ILE E 62 -28.65 -16.84 28.07
C ILE E 62 -27.80 -18.05 28.44
N VAL E 63 -28.08 -18.62 29.61
CA VAL E 63 -27.31 -19.73 30.16
C VAL E 63 -27.32 -20.98 29.27
N LEU E 64 -28.49 -21.35 28.78
CA LEU E 64 -28.63 -22.58 28.00
C LEU E 64 -28.09 -22.45 26.57
N GLU E 65 -27.97 -21.22 26.09
CA GLU E 65 -27.40 -20.97 24.77
C GLU E 65 -25.94 -20.49 24.80
N TYR E 66 -25.40 -20.30 26.00
CA TYR E 66 -24.08 -19.71 26.15
C TYR E 66 -22.93 -20.45 25.46
N PHE E 67 -22.91 -21.78 25.56
CA PHE E 67 -21.82 -22.58 25.02
C PHE E 67 -22.12 -23.17 23.64
N ASN E 68 -23.20 -22.71 23.01
CA ASN E 68 -23.58 -23.20 21.69
C ASN E 68 -22.93 -22.38 20.58
N THR E 69 -22.26 -23.08 19.67
CA THR E 69 -21.42 -22.47 18.63
C THR E 69 -22.06 -21.41 17.75
N ASP E 70 -23.25 -21.69 17.21
CA ASP E 70 -23.83 -20.77 16.22
C ASP E 70 -24.98 -19.92 16.76
N ALA E 71 -25.08 -19.79 18.08
CA ALA E 71 -26.12 -18.96 18.63
C ALA E 71 -25.58 -17.59 19.00
N LYS E 72 -26.47 -16.60 19.09
CA LYS E 72 -26.10 -15.24 19.43
C LYS E 72 -26.63 -14.81 20.80
N VAL E 73 -25.91 -15.22 21.82
CA VAL E 73 -26.25 -14.98 23.22
C VAL E 73 -26.03 -13.51 23.62
N ASN E 74 -25.16 -12.83 22.87
CA ASN E 74 -24.76 -11.47 23.21
C ASN E 74 -25.85 -10.39 23.15
N GLU E 75 -26.90 -10.60 22.35
CA GLU E 75 -27.92 -9.56 22.27
C GLU E 75 -29.01 -9.70 23.33
N ARG E 76 -29.18 -10.90 23.88
CA ARG E 76 -30.00 -11.08 25.07
C ARG E 76 -29.22 -10.74 26.31
N ILE E 77 -27.90 -10.89 26.25
CA ILE E 77 -27.04 -10.36 27.30
C ILE E 77 -27.22 -8.85 27.35
N ASP E 78 -27.25 -8.22 26.17
CA ASP E 78 -27.42 -6.77 26.07
C ASP E 78 -28.83 -6.36 26.47
N GLU E 79 -29.81 -7.21 26.17
CA GLU E 79 -31.19 -6.93 26.52
C GLU E 79 -31.40 -7.09 28.02
N PHE E 80 -30.78 -8.11 28.59
CA PHE E 80 -30.78 -8.31 30.03
C PHE E 80 -30.22 -7.07 30.73
N VAL E 81 -29.03 -6.66 30.30
CA VAL E 81 -28.30 -5.56 30.93
C VAL E 81 -29.05 -4.23 30.85
N SER E 82 -29.64 -3.96 29.70
CA SER E 82 -30.41 -2.73 29.51
C SER E 82 -31.61 -2.73 30.46
N LYS E 83 -32.25 -3.89 30.57
CA LYS E 83 -33.40 -4.08 31.43
C LYS E 83 -33.02 -3.93 32.90
N ALA E 84 -31.87 -4.50 33.27
CA ALA E 84 -31.32 -4.40 34.61
C ALA E 84 -30.96 -2.95 34.92
N PHE E 85 -30.51 -2.23 33.90
CA PHE E 85 -30.02 -0.87 34.05
C PHE E 85 -31.14 0.13 34.29
N PHE E 86 -32.21 0.00 33.53
CA PHE E 86 -33.32 0.95 33.64
C PHE E 86 -34.14 0.74 34.89
N ALA E 87 -34.05 -0.45 35.47
CA ALA E 87 -34.72 -0.70 36.74
C ALA E 87 -33.81 -0.48 37.94
N ASP E 88 -32.54 -0.24 37.65
CA ASP E 88 -31.52 -0.04 38.68
C ASP E 88 -31.48 -1.20 39.67
N ILE E 89 -31.56 -2.42 39.14
CA ILE E 89 -31.44 -3.61 40.00
C ILE E 89 -30.00 -3.75 40.45
N SER E 90 -29.81 -4.21 41.69
CA SER E 90 -28.47 -4.34 42.26
C SER E 90 -27.78 -5.57 41.71
N VAL E 91 -26.45 -5.60 41.86
CA VAL E 91 -25.65 -6.76 41.46
C VAL E 91 -26.09 -7.99 42.25
N SER E 92 -26.45 -7.76 43.51
CA SER E 92 -26.93 -8.82 44.39
C SER E 92 -28.16 -9.53 43.82
N GLN E 93 -29.11 -8.76 43.31
CA GLN E 93 -30.31 -9.30 42.69
C GLN E 93 -29.98 -10.15 41.46
N VAL E 94 -28.95 -9.75 40.72
CA VAL E 94 -28.48 -10.52 39.58
C VAL E 94 -27.89 -11.85 40.04
N LEU E 95 -27.07 -11.79 41.09
CA LEU E 95 -26.48 -13.00 41.66
C LEU E 95 -27.57 -13.93 42.19
N GLU E 96 -28.62 -13.33 42.75
CA GLU E 96 -29.73 -14.11 43.29
C GLU E 96 -30.44 -14.88 42.17
N ILE E 97 -30.58 -14.24 41.02
CA ILE E 97 -31.19 -14.86 39.86
C ILE E 97 -30.36 -16.05 39.39
N HIS E 98 -29.05 -15.87 39.37
CA HIS E 98 -28.14 -16.95 38.97
C HIS E 98 -28.25 -18.12 39.94
N VAL E 99 -28.16 -17.83 41.23
CA VAL E 99 -28.14 -18.87 42.27
C VAL E 99 -29.43 -19.70 42.26
N GLU E 100 -30.57 -19.03 42.18
CA GLU E 100 -31.87 -19.71 42.13
C GLU E 100 -32.01 -20.60 40.91
N LEU E 101 -31.57 -20.10 39.77
CA LEU E 101 -31.60 -20.85 38.52
C LEU E 101 -30.69 -22.08 38.61
N MET E 102 -29.54 -21.91 39.24
CA MET E 102 -28.60 -23.00 39.41
C MET E 102 -29.15 -24.05 40.39
N ASP E 103 -29.93 -23.59 41.36
CA ASP E 103 -30.58 -24.49 42.31
C ASP E 103 -31.60 -25.37 41.59
N THR E 104 -32.40 -24.76 40.72
CA THR E 104 -33.36 -25.49 39.92
C THR E 104 -32.66 -26.50 39.02
N PHE E 105 -31.60 -26.06 38.34
CA PHE E 105 -30.82 -26.95 37.50
C PHE E 105 -30.27 -28.11 38.34
N SER E 106 -29.94 -27.83 39.59
CA SER E 106 -29.35 -28.85 40.45
C SER E 106 -30.38 -29.93 40.81
N LYS E 107 -31.58 -29.51 41.18
CA LYS E 107 -32.63 -30.46 41.56
C LYS E 107 -33.14 -31.23 40.35
N GLN E 108 -32.97 -30.65 39.15
CA GLN E 108 -33.41 -31.32 37.93
C GLN E 108 -32.35 -32.32 37.47
N LEU E 109 -31.10 -32.04 37.81
CA LEU E 109 -29.99 -32.93 37.48
C LEU E 109 -29.93 -34.15 38.40
N LYS E 110 -30.46 -34.03 39.61
CA LYS E 110 -30.45 -35.13 40.57
C LYS E 110 -31.46 -36.20 40.16
N LEU E 111 -32.56 -35.76 39.55
CA LEU E 111 -33.60 -36.66 39.06
C LEU E 111 -33.17 -37.39 37.79
N GLU E 112 -32.05 -36.98 37.21
CA GLU E 112 -31.54 -37.64 36.01
C GLU E 112 -30.31 -38.48 36.32
N GLY E 113 -29.75 -38.30 37.51
CA GLY E 113 -28.56 -39.04 37.90
C GLY E 113 -27.37 -38.59 37.07
N ARG E 114 -27.25 -37.29 36.87
CA ARG E 114 -26.14 -36.71 36.11
C ARG E 114 -25.31 -35.72 36.93
N SER E 115 -24.07 -35.50 36.50
CA SER E 115 -23.15 -34.62 37.23
C SER E 115 -23.55 -33.15 37.18
N GLU E 116 -23.36 -32.45 38.30
CA GLU E 116 -23.62 -31.02 38.39
C GLU E 116 -22.38 -30.18 38.10
N ASP E 117 -21.42 -30.75 37.37
CA ASP E 117 -20.11 -30.11 37.19
C ASP E 117 -20.20 -29.03 36.10
N ILE E 118 -21.12 -29.21 35.16
CA ILE E 118 -21.33 -28.23 34.10
C ILE E 118 -21.83 -26.91 34.67
N LEU E 119 -22.49 -26.97 35.82
CA LEU E 119 -23.01 -25.79 36.49
C LEU E 119 -21.89 -24.81 36.83
N LEU E 120 -20.70 -25.34 37.10
CA LEU E 120 -19.56 -24.51 37.45
C LEU E 120 -19.11 -23.63 36.27
N ASP E 121 -19.31 -24.14 35.06
CA ASP E 121 -18.95 -23.38 33.85
C ASP E 121 -19.88 -22.20 33.61
N TYR E 122 -21.12 -22.31 34.10
CA TYR E 122 -22.08 -21.22 34.00
C TYR E 122 -21.66 -20.01 34.86
N ARG E 123 -20.69 -20.22 35.75
CA ARG E 123 -20.10 -19.12 36.48
C ARG E 123 -19.46 -18.10 35.53
N LEU E 124 -18.89 -18.60 34.43
CA LEU E 124 -18.39 -17.73 33.37
C LEU E 124 -19.52 -16.90 32.78
N THR E 125 -20.67 -17.53 32.57
CA THR E 125 -21.86 -16.82 32.08
C THR E 125 -22.22 -15.66 33.01
N LEU E 126 -22.18 -15.92 34.31
CA LEU E 126 -22.49 -14.90 35.31
C LEU E 126 -21.51 -13.74 35.25
N ILE E 127 -20.24 -14.07 35.13
CA ILE E 127 -19.17 -13.07 35.04
C ILE E 127 -19.36 -12.23 33.79
N ASP E 128 -19.80 -12.89 32.71
CA ASP E 128 -20.10 -12.22 31.45
C ASP E 128 -21.14 -11.12 31.64
N VAL E 129 -22.23 -11.44 32.33
CA VAL E 129 -23.34 -10.53 32.53
C VAL E 129 -22.96 -9.36 33.45
N ILE E 130 -22.35 -9.68 34.59
CA ILE E 130 -21.94 -8.67 35.56
C ILE E 130 -20.94 -7.69 34.95
N ALA E 131 -20.03 -8.20 34.13
CA ALA E 131 -19.07 -7.37 33.42
C ALA E 131 -19.77 -6.33 32.54
N HIS E 132 -20.70 -6.79 31.72
CA HIS E 132 -21.49 -5.93 30.84
C HIS E 132 -22.30 -4.87 31.60
N LEU E 133 -22.98 -5.27 32.67
CA LEU E 133 -23.81 -4.35 33.43
C LEU E 133 -22.98 -3.22 34.04
N SER E 134 -21.83 -3.60 34.59
CA SER E 134 -20.91 -2.64 35.21
C SER E 134 -20.30 -1.69 34.19
N GLU E 135 -20.04 -2.19 32.99
CA GLU E 135 -19.43 -1.39 31.94
C GLU E 135 -20.35 -0.27 31.49
N MET E 136 -21.66 -0.51 31.49
CA MET E 136 -22.62 0.56 31.22
C MET E 136 -22.51 1.68 32.23
N TYR E 137 -22.41 1.30 33.51
CA TYR E 137 -22.28 2.27 34.58
C TYR E 137 -20.93 2.98 34.53
N ARG E 138 -19.88 2.20 34.33
CA ARG E 138 -18.51 2.73 34.28
C ARG E 138 -18.27 3.65 33.08
N ARG E 139 -19.01 3.43 32.00
CA ARG E 139 -18.92 4.24 30.78
C ARG E 139 -20.06 5.23 30.61
N SER E 140 -20.76 5.49 31.70
CA SER E 140 -21.88 6.43 31.66
C SER E 140 -21.39 7.86 31.64
N ILE E 141 -22.12 8.71 30.91
CA ILE E 141 -21.84 10.13 30.88
C ILE E 141 -23.01 10.87 31.53
N PRO E 142 -22.94 11.06 32.86
CA PRO E 142 -24.01 11.67 33.65
C PRO E 142 -24.28 13.10 33.21
N ARG E 143 -25.55 13.50 33.28
CA ARG E 143 -25.97 14.87 32.99
C ARG E 143 -25.74 15.24 31.53
N VAL F 11 -23.52 -23.19 55.19
CA VAL F 11 -24.08 -23.60 53.92
C VAL F 11 -23.10 -23.41 52.77
N ASP F 12 -23.61 -23.54 51.55
CA ASP F 12 -22.79 -23.43 50.32
C ASP F 12 -22.21 -22.02 50.21
N PRO F 13 -20.88 -21.92 50.01
CA PRO F 13 -20.19 -20.63 49.83
C PRO F 13 -20.74 -19.78 48.70
N GLN F 14 -21.39 -20.41 47.72
CA GLN F 14 -22.07 -19.62 46.70
C GLN F 14 -23.27 -18.95 47.33
N HIS F 15 -23.95 -19.66 48.23
CA HIS F 15 -25.10 -19.07 48.93
C HIS F 15 -24.71 -18.04 49.98
N ARG F 16 -23.51 -18.16 50.55
CA ARG F 16 -23.17 -17.20 51.58
C ARG F 16 -22.24 -16.12 50.94
N LEU F 17 -21.87 -16.30 49.67
CA LEU F 17 -21.34 -15.16 48.93
C LEU F 17 -22.53 -14.28 48.64
N SER F 18 -23.66 -14.94 48.40
CA SER F 18 -24.91 -14.28 48.05
C SER F 18 -25.52 -13.47 49.19
N GLN F 19 -25.61 -14.10 50.36
CA GLN F 19 -26.17 -13.46 51.54
C GLN F 19 -25.30 -12.31 52.03
N LYS F 20 -24.00 -12.47 51.85
CA LYS F 20 -23.02 -11.46 52.18
C LYS F 20 -23.18 -10.19 51.31
N LEU F 21 -23.51 -10.37 50.03
CA LEU F 21 -23.73 -9.22 49.15
C LEU F 21 -24.98 -8.42 49.53
N LYS F 22 -26.03 -9.09 50.00
CA LYS F 22 -27.25 -8.42 50.44
C LYS F 22 -27.00 -7.61 51.70
N GLU F 23 -26.08 -8.11 52.52
CA GLU F 23 -25.75 -7.49 53.80
C GLU F 23 -25.01 -6.18 53.55
N ARG F 24 -24.25 -6.15 52.48
CA ARG F 24 -23.38 -5.02 52.20
C ARG F 24 -24.17 -3.89 51.56
N LEU F 25 -25.42 -4.15 51.21
CA LEU F 25 -26.21 -3.14 50.52
C LEU F 25 -26.56 -1.95 51.41
N GLY F 26 -26.90 -2.21 52.67
CA GLY F 26 -27.28 -1.13 53.56
C GLY F 26 -26.13 -0.21 53.93
N TYR F 27 -24.94 -0.78 54.06
CA TYR F 27 -23.76 -0.01 54.47
C TYR F 27 -23.15 0.91 53.39
N LEU F 28 -23.52 0.73 52.13
CA LEU F 28 -22.95 1.57 51.09
C LEU F 28 -23.57 2.95 51.06
N GLY F 29 -22.84 3.90 50.47
CA GLY F 29 -23.36 5.24 50.29
C GLY F 29 -24.30 5.19 49.10
N VAL F 30 -25.23 6.14 49.02
CA VAL F 30 -26.20 6.16 47.94
C VAL F 30 -25.49 6.22 46.59
N TYR F 31 -24.51 7.12 46.48
CA TYR F 31 -23.64 7.15 45.34
C TYR F 31 -22.32 7.81 45.70
N TYR F 32 -21.39 7.85 44.75
CA TYR F 32 -20.02 8.26 45.03
C TYR F 32 -19.52 9.25 44.00
N LYS F 33 -18.50 10.01 44.39
CA LYS F 33 -17.84 10.97 43.52
C LYS F 33 -16.34 10.78 43.59
N ARG F 34 -15.78 10.47 42.43
CA ARG F 34 -14.37 10.20 42.26
C ARG F 34 -13.69 11.37 41.60
N ASP F 35 -12.37 11.45 41.74
CA ASP F 35 -11.61 12.48 41.07
C ASP F 35 -10.94 11.86 39.85
N THR F 36 -11.30 12.36 38.68
CA THR F 36 -10.84 11.83 37.41
C THR F 36 -9.32 11.92 37.26
N ALA F 37 -8.72 12.87 37.95
CA ALA F 37 -7.27 13.06 37.92
C ALA F 37 -6.53 11.81 38.40
N PHE F 38 -7.22 10.98 39.19
CA PHE F 38 -6.62 9.78 39.76
C PHE F 38 -7.03 8.51 39.00
N PHE F 39 -7.62 8.68 37.83
CA PHE F 39 -7.94 7.53 36.97
C PHE F 39 -6.72 6.91 36.29
N PHE F 40 -6.76 5.60 36.15
CA PHE F 40 -5.73 4.83 35.46
C PHE F 40 -5.35 5.39 34.09
N ARG F 41 -6.33 5.80 33.28
CA ARG F 41 -6.06 6.28 31.92
C ARG F 41 -5.22 7.55 31.84
N ARG F 42 -5.10 8.26 32.95
CA ARG F 42 -4.35 9.53 32.98
C ARG F 42 -3.02 9.38 33.71
N MET F 43 -2.62 8.12 33.94
CA MET F 43 -1.37 7.88 34.63
C MET F 43 -0.22 7.72 33.64
N SER F 44 0.97 8.06 34.09
CA SER F 44 2.18 7.79 33.32
C SER F 44 2.35 6.28 33.20
N PRO F 45 3.08 5.82 32.16
CA PRO F 45 3.31 4.39 31.99
C PRO F 45 3.97 3.75 33.22
N ALA F 46 4.69 4.56 34.00
CA ALA F 46 5.34 4.07 35.22
C ALA F 46 4.35 3.93 36.37
N ASP F 47 3.47 4.91 36.52
CA ASP F 47 2.47 4.87 37.58
C ASP F 47 1.39 3.84 37.26
N LYS F 48 1.18 3.58 35.97
CA LYS F 48 0.23 2.55 35.55
C LYS F 48 0.65 1.15 36.01
N ARG F 49 1.93 0.81 35.81
CA ARG F 49 2.43 -0.51 36.17
C ARG F 49 2.63 -0.62 37.67
N LYS F 50 2.76 0.54 38.33
CA LYS F 50 2.83 0.57 39.78
C LYS F 50 1.48 0.16 40.39
N LEU F 51 0.41 0.67 39.80
CA LEU F 51 -0.93 0.31 40.23
C LEU F 51 -1.31 -1.14 39.95
N LEU F 52 -1.02 -1.61 38.74
CA LEU F 52 -1.41 -2.95 38.35
C LEU F 52 -0.70 -4.03 39.16
N ASP F 53 0.55 -3.78 39.54
CA ASP F 53 1.31 -4.73 40.35
C ASP F 53 0.81 -4.80 41.79
N GLU F 54 0.38 -3.67 42.34
CA GLU F 54 -0.24 -3.68 43.66
C GLU F 54 -1.54 -4.49 43.61
N LEU F 55 -2.33 -4.27 42.57
CA LEU F 55 -3.56 -5.01 42.37
C LEU F 55 -3.29 -6.50 42.21
N ARG F 56 -2.25 -6.83 41.43
CA ARG F 56 -1.85 -8.22 41.25
C ARG F 56 -1.48 -8.84 42.59
N SER F 57 -0.70 -8.11 43.38
CA SER F 57 -0.26 -8.58 44.69
C SER F 57 -1.44 -8.81 45.63
N ILE F 58 -2.32 -7.83 45.71
CA ILE F 58 -3.51 -7.91 46.56
C ILE F 58 -4.43 -9.07 46.16
N TYR F 59 -4.64 -9.22 44.86
CA TYR F 59 -5.54 -10.27 44.35
C TYR F 59 -4.97 -11.66 44.68
N ARG F 60 -3.66 -11.81 44.53
CA ARG F 60 -2.99 -13.06 44.86
C ARG F 60 -3.17 -13.42 46.33
N THR F 61 -3.09 -12.41 47.20
CA THR F 61 -3.30 -12.59 48.63
C THR F 61 -4.73 -13.00 48.92
N ILE F 62 -5.67 -12.33 48.25
CA ILE F 62 -7.09 -12.64 48.38
C ILE F 62 -7.37 -14.10 48.00
N VAL F 63 -6.85 -14.51 46.85
CA VAL F 63 -7.09 -15.87 46.34
C VAL F 63 -6.57 -16.95 47.27
N LEU F 64 -5.34 -16.78 47.74
CA LEU F 64 -4.71 -17.82 48.57
C LEU F 64 -5.23 -17.87 49.99
N GLU F 65 -5.84 -16.78 50.47
CA GLU F 65 -6.45 -16.83 51.78
C GLU F 65 -7.96 -17.01 51.65
N TYR F 66 -8.45 -16.96 50.42
CA TYR F 66 -9.87 -17.18 50.19
C TYR F 66 -10.13 -18.62 50.63
N PHE F 67 -11.36 -18.93 51.02
CA PHE F 67 -11.74 -20.25 51.53
C PHE F 67 -11.11 -20.58 52.88
N ASN F 68 -10.35 -19.66 53.45
CA ASN F 68 -9.77 -19.90 54.76
C ASN F 68 -10.72 -19.28 55.78
N THR F 69 -11.26 -20.11 56.65
CA THR F 69 -12.23 -19.70 57.67
C THR F 69 -11.67 -18.60 58.57
N ASP F 70 -10.39 -18.69 58.89
CA ASP F 70 -9.78 -17.84 59.92
C ASP F 70 -9.13 -16.61 59.31
N ALA F 71 -9.47 -16.32 58.06
CA ALA F 71 -8.92 -15.16 57.38
C ALA F 71 -9.94 -14.03 57.32
N LYS F 72 -9.45 -12.82 57.13
CA LYS F 72 -10.32 -11.67 56.96
C LYS F 72 -10.16 -11.26 55.51
N VAL F 73 -10.71 -12.08 54.62
CA VAL F 73 -10.57 -11.88 53.19
C VAL F 73 -11.42 -10.72 52.68
N ASN F 74 -12.51 -10.44 53.39
CA ASN F 74 -13.47 -9.44 52.96
C ASN F 74 -12.90 -8.02 53.01
N GLU F 75 -11.88 -7.82 53.85
CA GLU F 75 -11.26 -6.50 53.99
C GLU F 75 -10.11 -6.25 53.01
N ARG F 76 -9.51 -7.33 52.51
CA ARG F 76 -8.54 -7.22 51.43
C ARG F 76 -9.26 -7.12 50.10
N ILE F 77 -10.42 -7.77 50.04
CA ILE F 77 -11.33 -7.62 48.93
C ILE F 77 -11.80 -6.17 48.86
N ASP F 78 -12.07 -5.57 50.01
CA ASP F 78 -12.53 -4.20 50.08
C ASP F 78 -11.40 -3.25 49.68
N GLU F 79 -10.17 -3.64 50.01
CA GLU F 79 -9.00 -2.84 49.68
C GLU F 79 -8.67 -2.92 48.19
N PHE F 80 -8.78 -4.12 47.63
CA PHE F 80 -8.64 -4.31 46.18
C PHE F 80 -9.68 -3.48 45.43
N VAL F 81 -10.94 -3.66 45.80
CA VAL F 81 -12.06 -3.04 45.10
C VAL F 81 -11.98 -1.52 45.15
N SER F 82 -11.60 -0.97 46.31
CA SER F 82 -11.48 0.47 46.46
C SER F 82 -10.42 1.07 45.54
N LYS F 83 -9.27 0.43 45.44
CA LYS F 83 -8.21 0.91 44.58
C LYS F 83 -8.59 0.83 43.10
N ALA F 84 -9.22 -0.27 42.71
CA ALA F 84 -9.67 -0.46 41.34
C ALA F 84 -10.75 0.55 40.93
N PHE F 85 -11.63 0.88 41.87
CA PHE F 85 -12.79 1.73 41.56
C PHE F 85 -12.40 3.20 41.39
N PHE F 86 -11.58 3.70 42.31
CA PHE F 86 -11.14 5.09 42.30
C PHE F 86 -10.08 5.34 41.22
N ALA F 87 -9.49 4.26 40.73
CA ALA F 87 -8.58 4.32 39.58
C ALA F 87 -9.36 4.07 38.29
N ASP F 88 -10.66 3.82 38.44
CA ASP F 88 -11.56 3.50 37.34
C ASP F 88 -11.10 2.27 36.55
N ILE F 89 -10.65 1.24 37.26
CA ILE F 89 -10.28 -0.02 36.62
C ILE F 89 -11.53 -0.82 36.21
N SER F 90 -11.50 -1.42 35.04
CA SER F 90 -12.64 -2.20 34.55
C SER F 90 -12.65 -3.63 35.09
N VAL F 91 -13.82 -4.26 35.01
CA VAL F 91 -13.96 -5.67 35.36
C VAL F 91 -13.11 -6.52 34.43
N SER F 92 -13.02 -6.09 33.17
CA SER F 92 -12.21 -6.77 32.17
C SER F 92 -10.76 -6.86 32.62
N GLN F 93 -10.23 -5.77 33.13
CA GLN F 93 -8.87 -5.75 33.65
C GLN F 93 -8.68 -6.68 34.85
N VAL F 94 -9.72 -6.78 35.68
CA VAL F 94 -9.68 -7.67 36.84
C VAL F 94 -9.62 -9.13 36.40
N LEU F 95 -10.43 -9.48 35.40
CA LEU F 95 -10.42 -10.83 34.85
C LEU F 95 -9.06 -11.17 34.26
N GLU F 96 -8.41 -10.18 33.66
CA GLU F 96 -7.07 -10.36 33.11
C GLU F 96 -6.06 -10.69 34.21
N ILE F 97 -6.21 -10.03 35.35
CA ILE F 97 -5.35 -10.28 36.50
C ILE F 97 -5.57 -11.70 37.04
N HIS F 98 -6.83 -12.11 37.09
CA HIS F 98 -7.19 -13.44 37.56
C HIS F 98 -6.61 -14.51 36.64
N VAL F 99 -6.78 -14.32 35.34
CA VAL F 99 -6.37 -15.29 34.34
C VAL F 99 -4.86 -15.52 34.38
N GLU F 100 -4.09 -14.43 34.47
CA GLU F 100 -2.64 -14.54 34.56
C GLU F 100 -2.21 -15.32 35.80
N LEU F 101 -2.86 -15.04 36.93
CA LEU F 101 -2.56 -15.75 38.18
C LEU F 101 -2.92 -17.23 38.07
N MET F 102 -4.05 -17.52 37.43
CA MET F 102 -4.48 -18.91 37.24
C MET F 102 -3.55 -19.64 36.30
N ASP F 103 -3.01 -18.93 35.32
CA ASP F 103 -2.02 -19.49 34.41
C ASP F 103 -0.75 -19.84 35.16
N THR F 104 -0.33 -18.94 36.04
CA THR F 104 0.84 -19.16 36.89
C THR F 104 0.63 -20.38 37.79
N PHE F 105 -0.54 -20.42 38.44
CA PHE F 105 -0.92 -21.55 39.28
C PHE F 105 -0.95 -22.86 38.52
N SER F 106 -1.36 -22.80 37.26
CA SER F 106 -1.56 -24.00 36.47
C SER F 106 -0.25 -24.71 36.18
N LYS F 107 0.76 -23.96 35.75
CA LYS F 107 2.05 -24.56 35.43
C LYS F 107 2.78 -25.00 36.71
N GLN F 108 2.46 -24.36 37.84
CA GLN F 108 3.10 -24.75 39.10
C GLN F 108 2.46 -26.01 39.66
N LEU F 109 1.16 -26.19 39.40
CA LEU F 109 0.46 -27.38 39.86
C LEU F 109 0.80 -28.61 39.02
N LYS F 110 1.17 -28.39 37.76
CA LYS F 110 1.53 -29.51 36.89
C LYS F 110 2.93 -29.99 37.24
N LEU F 111 3.80 -29.06 37.65
CA LEU F 111 5.16 -29.38 38.05
C LEU F 111 5.20 -30.06 39.42
N GLU F 112 4.07 -30.07 40.12
CA GLU F 112 3.97 -30.74 41.41
C GLU F 112 3.11 -32.00 41.26
N GLY F 113 2.46 -32.13 40.10
CA GLY F 113 1.63 -33.29 39.85
C GLY F 113 0.37 -33.30 40.70
N ARG F 114 -0.29 -32.15 40.82
CA ARG F 114 -1.54 -32.08 41.55
C ARG F 114 -2.67 -31.65 40.62
N SER F 115 -3.90 -31.93 41.04
CA SER F 115 -5.08 -31.65 40.23
C SER F 115 -5.29 -30.15 40.04
N GLU F 116 -5.73 -29.76 38.85
CA GLU F 116 -6.03 -28.37 38.57
C GLU F 116 -7.50 -28.01 38.84
N ASP F 117 -8.18 -28.82 39.65
CA ASP F 117 -9.61 -28.62 39.82
C ASP F 117 -9.88 -27.53 40.84
N ILE F 118 -8.91 -27.27 41.71
CA ILE F 118 -9.02 -26.18 42.68
C ILE F 118 -9.08 -24.82 41.98
N LEU F 119 -8.48 -24.72 40.80
CA LEU F 119 -8.52 -23.47 40.04
C LEU F 119 -9.95 -23.08 39.69
N LEU F 120 -10.81 -24.08 39.50
CA LEU F 120 -12.22 -23.84 39.20
C LEU F 120 -12.91 -23.20 40.40
N ASP F 121 -12.42 -23.51 41.60
CA ASP F 121 -12.99 -22.96 42.82
C ASP F 121 -12.71 -21.47 42.96
N TYR F 122 -11.58 -21.03 42.39
CA TYR F 122 -11.21 -19.62 42.38
C TYR F 122 -12.11 -18.75 41.50
N ARG F 123 -12.90 -19.38 40.65
CA ARG F 123 -13.90 -18.64 39.88
C ARG F 123 -14.89 -17.94 40.80
N LEU F 124 -15.22 -18.59 41.91
CA LEU F 124 -16.02 -17.97 42.96
C LEU F 124 -15.35 -16.74 43.56
N THR F 125 -14.04 -16.85 43.81
CA THR F 125 -13.25 -15.73 44.32
C THR F 125 -13.36 -14.52 43.40
N LEU F 126 -13.23 -14.78 42.11
CA LEU F 126 -13.31 -13.73 41.10
C LEU F 126 -14.68 -13.07 41.11
N ILE F 127 -15.72 -13.90 41.21
CA ILE F 127 -17.09 -13.41 41.23
C ILE F 127 -17.31 -12.50 42.44
N ASP F 128 -16.71 -12.88 43.57
CA ASP F 128 -16.77 -12.08 44.78
C ASP F 128 -16.23 -10.66 44.56
N VAL F 129 -15.07 -10.57 43.94
CA VAL F 129 -14.40 -9.28 43.74
C VAL F 129 -15.12 -8.41 42.71
N ILE F 130 -15.42 -8.97 41.54
CA ILE F 130 -16.10 -8.24 40.48
C ILE F 130 -17.51 -7.81 40.90
N ALA F 131 -18.21 -8.66 41.66
CA ALA F 131 -19.52 -8.31 42.18
C ALA F 131 -19.46 -7.04 43.02
N HIS F 132 -18.54 -7.00 43.97
CA HIS F 132 -18.33 -5.81 44.80
C HIS F 132 -17.96 -4.60 43.94
N LEU F 133 -17.05 -4.80 43.01
CA LEU F 133 -16.58 -3.73 42.14
C LEU F 133 -17.72 -3.17 41.29
N SER F 134 -18.53 -4.07 40.75
CA SER F 134 -19.66 -3.68 39.91
C SER F 134 -20.73 -2.89 40.68
N GLU F 135 -20.93 -3.24 41.94
CA GLU F 135 -21.89 -2.51 42.77
C GLU F 135 -21.42 -1.07 43.00
N MET F 136 -20.11 -0.90 43.12
CA MET F 136 -19.52 0.41 43.25
C MET F 136 -19.80 1.26 42.01
N TYR F 137 -19.68 0.64 40.84
CA TYR F 137 -19.97 1.31 39.57
C TYR F 137 -21.47 1.64 39.43
N ARG F 138 -22.34 0.75 39.93
CA ARG F 138 -23.77 1.02 39.90
C ARG F 138 -24.04 2.29 40.71
N ARG F 139 -23.16 2.59 41.66
CA ARG F 139 -23.27 3.77 42.49
C ARG F 139 -22.28 4.86 42.05
N SER F 140 -21.71 4.71 40.87
CA SER F 140 -20.76 5.68 40.31
C SER F 140 -21.48 6.89 39.69
N ILE F 141 -22.77 6.75 39.46
CA ILE F 141 -23.58 7.84 38.94
C ILE F 141 -24.61 8.27 39.98
N PRO F 142 -25.15 9.50 39.87
CA PRO F 142 -26.07 9.96 40.91
C PRO F 142 -27.31 9.07 41.03
N ARG F 143 -27.75 8.80 42.25
CA ARG F 143 -28.97 8.01 42.45
C ARG F 143 -29.82 8.65 43.55
N GLU F 144 -31.02 8.09 43.75
CA GLU F 144 -31.90 8.55 44.81
C GLU F 144 -32.47 7.37 45.60
N VAL G 11 31.52 2.37 -10.18
CA VAL G 11 32.85 1.85 -9.89
C VAL G 11 33.68 1.65 -11.17
N ASP G 12 33.80 0.40 -11.63
CA ASP G 12 34.57 0.10 -12.83
C ASP G 12 33.91 0.81 -14.02
N PRO G 13 34.69 1.61 -14.78
CA PRO G 13 34.14 2.30 -15.94
C PRO G 13 33.55 1.32 -16.96
N GLN G 14 34.02 0.08 -16.92
CA GLN G 14 33.48 -0.99 -17.73
C GLN G 14 32.09 -1.37 -17.22
N HIS G 15 31.93 -1.39 -15.89
CA HIS G 15 30.65 -1.70 -15.28
C HIS G 15 29.63 -0.56 -15.37
N ARG G 16 30.11 0.67 -15.50
CA ARG G 16 29.24 1.84 -15.56
C ARG G 16 28.99 2.26 -17.03
N LEU G 17 29.74 1.67 -17.95
CA LEU G 17 29.36 1.76 -19.35
C LEU G 17 28.21 0.78 -19.59
N SER G 18 28.29 -0.38 -18.94
CA SER G 18 27.29 -1.42 -19.11
C SER G 18 25.95 -1.01 -18.50
N GLN G 19 25.99 -0.50 -17.28
CA GLN G 19 24.78 -0.09 -16.58
C GLN G 19 24.15 1.10 -17.29
N LYS G 20 24.98 1.94 -17.88
CA LYS G 20 24.50 3.06 -18.69
C LYS G 20 23.77 2.58 -19.94
N LEU G 21 24.30 1.53 -20.59
CA LEU G 21 23.66 0.98 -21.77
C LEU G 21 22.35 0.28 -21.42
N LYS G 22 22.30 -0.34 -20.25
CA LYS G 22 21.05 -0.95 -19.82
C LYS G 22 20.01 0.12 -19.53
N GLU G 23 20.45 1.27 -19.05
CA GLU G 23 19.53 2.35 -18.70
C GLU G 23 18.99 3.10 -19.90
N ARG G 24 19.86 3.42 -20.86
CA ARG G 24 19.46 4.28 -21.97
C ARG G 24 18.96 3.53 -23.21
N LEU G 25 19.46 2.32 -23.43
CA LEU G 25 19.11 1.58 -24.63
C LEU G 25 17.93 0.65 -24.34
N GLY G 26 17.42 -0.05 -25.35
CA GLY G 26 16.28 -0.91 -25.07
C GLY G 26 14.92 -0.29 -25.29
N TYR G 27 14.87 0.92 -25.83
CA TYR G 27 13.60 1.62 -25.95
C TYR G 27 12.64 0.91 -26.91
N LEU G 28 11.42 1.43 -26.99
CA LEU G 28 10.32 0.75 -27.67
C LEU G 28 10.57 0.68 -29.17
N GLY G 29 10.50 1.81 -29.86
CA GLY G 29 10.82 1.79 -31.27
C GLY G 29 11.08 3.13 -31.92
N VAL G 30 11.87 3.08 -32.99
CA VAL G 30 12.19 4.27 -33.77
C VAL G 30 11.35 4.30 -35.04
N TYR G 31 10.60 5.37 -35.26
CA TYR G 31 9.94 5.56 -36.54
C TYR G 31 10.73 6.63 -37.28
N TYR G 32 11.09 6.35 -38.53
CA TYR G 32 12.07 7.17 -39.22
C TYR G 32 11.77 7.50 -40.67
N LYS G 33 12.35 8.59 -41.16
CA LYS G 33 12.26 8.89 -42.59
C LYS G 33 13.61 9.43 -43.09
N ARG G 34 14.27 8.72 -44.01
CA ARG G 34 15.52 9.29 -44.54
C ARG G 34 15.41 9.66 -46.01
N ASP G 35 16.26 10.59 -46.43
CA ASP G 35 16.40 10.98 -47.82
C ASP G 35 17.70 10.42 -48.37
N THR G 36 17.61 9.55 -49.37
CA THR G 36 18.80 8.93 -49.94
C THR G 36 19.69 9.98 -50.59
N ALA G 37 19.09 11.08 -51.04
CA ALA G 37 19.83 12.16 -51.68
C ALA G 37 20.87 12.78 -50.76
N PHE G 38 20.62 12.71 -49.45
CA PHE G 38 21.51 13.31 -48.46
C PHE G 38 22.37 12.29 -47.72
N PHE G 39 22.46 11.08 -48.26
CA PHE G 39 23.38 10.08 -47.71
C PHE G 39 24.80 10.52 -48.04
N PHE G 40 25.72 10.30 -47.09
CA PHE G 40 27.12 10.67 -47.28
C PHE G 40 27.71 10.20 -48.60
N ARG G 41 27.45 8.94 -48.95
CA ARG G 41 27.96 8.37 -50.19
C ARG G 41 27.37 9.04 -51.42
N ARG G 42 26.28 9.78 -51.24
CA ARG G 42 25.60 10.38 -52.37
C ARG G 42 25.78 11.91 -52.38
N MET G 43 26.68 12.40 -51.54
CA MET G 43 26.94 13.84 -51.43
C MET G 43 28.11 14.31 -52.30
N SER G 44 28.08 15.59 -52.65
CA SER G 44 29.20 16.25 -53.32
C SER G 44 30.43 16.22 -52.41
N PRO G 45 31.63 16.31 -53.01
CA PRO G 45 32.87 16.32 -52.22
C PRO G 45 32.87 17.45 -51.19
N ALA G 46 32.10 18.50 -51.46
CA ALA G 46 31.98 19.65 -50.57
C ALA G 46 31.08 19.34 -49.38
N ASP G 47 29.96 18.70 -49.67
CA ASP G 47 29.00 18.34 -48.62
C ASP G 47 29.52 17.20 -47.78
N LYS G 48 30.36 16.36 -48.39
CA LYS G 48 31.03 15.27 -47.70
C LYS G 48 31.96 15.79 -46.61
N ARG G 49 32.74 16.82 -46.96
CA ARG G 49 33.74 17.36 -46.07
C ARG G 49 33.12 18.20 -44.99
N LYS G 50 31.98 18.79 -45.32
CA LYS G 50 31.24 19.61 -44.37
C LYS G 50 30.56 18.76 -43.31
N LEU G 51 29.99 17.64 -43.72
CA LEU G 51 29.36 16.73 -42.77
C LEU G 51 30.39 16.04 -41.87
N LEU G 52 31.50 15.59 -42.45
CA LEU G 52 32.52 14.87 -41.66
C LEU G 52 33.17 15.74 -40.60
N ASP G 53 33.34 17.03 -40.87
CA ASP G 53 33.93 17.93 -39.88
C ASP G 53 32.98 18.18 -38.72
N GLU G 54 31.68 18.20 -38.99
CA GLU G 54 30.70 18.27 -37.92
C GLU G 54 30.78 17.04 -37.01
N LEU G 55 30.86 15.86 -37.64
CA LEU G 55 30.96 14.61 -36.90
C LEU G 55 32.25 14.54 -36.08
N ARG G 56 33.36 14.94 -36.69
CA ARG G 56 34.66 14.97 -36.03
C ARG G 56 34.59 15.87 -34.80
N SER G 57 34.01 17.04 -34.99
CA SER G 57 33.88 18.04 -33.93
C SER G 57 33.02 17.55 -32.79
N ILE G 58 31.84 17.01 -33.12
CA ILE G 58 30.93 16.49 -32.11
C ILE G 58 31.57 15.35 -31.33
N TYR G 59 32.22 14.43 -32.03
CA TYR G 59 32.87 13.29 -31.38
C TYR G 59 34.00 13.75 -30.47
N ARG G 60 34.76 14.73 -30.95
CA ARG G 60 35.86 15.31 -30.18
C ARG G 60 35.36 15.92 -28.88
N THR G 61 34.20 16.57 -28.95
CA THR G 61 33.56 17.15 -27.78
C THR G 61 33.10 16.07 -26.79
N ILE G 62 32.50 15.01 -27.32
CA ILE G 62 32.06 13.88 -26.52
C ILE G 62 33.23 13.28 -25.74
N VAL G 63 34.33 13.05 -26.43
CA VAL G 63 35.52 12.42 -25.86
C VAL G 63 36.12 13.23 -24.71
N LEU G 64 36.23 14.54 -24.90
CA LEU G 64 36.90 15.40 -23.92
C LEU G 64 36.05 15.63 -22.68
N GLU G 65 34.74 15.45 -22.81
CA GLU G 65 33.83 15.56 -21.67
C GLU G 65 33.32 14.23 -21.10
N TYR G 66 33.72 13.11 -21.70
CA TYR G 66 33.17 11.80 -21.34
C TYR G 66 33.31 11.38 -19.86
N PHE G 67 34.46 11.63 -19.27
CA PHE G 67 34.71 11.18 -17.90
C PHE G 67 34.47 12.26 -16.85
N ASN G 68 33.96 13.41 -17.28
CA ASN G 68 33.68 14.50 -16.36
C ASN G 68 32.23 14.37 -15.86
N THR G 69 32.11 14.28 -14.54
CA THR G 69 30.84 14.07 -13.85
C THR G 69 29.77 15.10 -14.20
N ASP G 70 30.16 16.36 -14.35
CA ASP G 70 29.21 17.45 -14.42
C ASP G 70 28.85 17.89 -15.85
N ALA G 71 29.16 17.04 -16.83
CA ALA G 71 28.86 17.32 -18.24
C ALA G 71 27.65 16.53 -18.75
N LYS G 72 27.06 16.97 -19.87
CA LYS G 72 25.94 16.25 -20.46
C LYS G 72 26.37 15.60 -21.76
N VAL G 73 27.11 14.50 -21.68
CA VAL G 73 27.62 13.85 -22.88
C VAL G 73 26.53 13.13 -23.66
N ASN G 74 25.46 12.72 -22.98
CA ASN G 74 24.43 11.88 -23.59
C ASN G 74 23.62 12.50 -24.73
N GLU G 75 23.46 13.82 -24.73
CA GLU G 75 22.72 14.43 -25.83
C GLU G 75 23.64 14.83 -26.99
N ARG G 76 24.93 14.95 -26.73
CA ARG G 76 25.87 15.11 -27.84
C ARG G 76 26.15 13.74 -28.48
N ILE G 77 26.11 12.69 -27.68
CA ILE G 77 26.13 11.33 -28.20
C ILE G 77 24.91 11.10 -29.09
N ASP G 78 23.75 11.58 -28.64
CA ASP G 78 22.50 11.44 -29.35
C ASP G 78 22.49 12.30 -30.62
N GLU G 79 23.17 13.43 -30.57
CA GLU G 79 23.25 14.34 -31.71
C GLU G 79 24.17 13.76 -32.78
N PHE G 80 25.28 13.17 -32.34
CA PHE G 80 26.18 12.46 -33.24
C PHE G 80 25.43 11.34 -33.95
N VAL G 81 24.77 10.50 -33.16
CA VAL G 81 24.09 9.31 -33.66
C VAL G 81 22.98 9.67 -34.64
N SER G 82 22.20 10.70 -34.31
CA SER G 82 21.12 11.13 -35.18
C SER G 82 21.65 11.58 -36.54
N LYS G 83 22.72 12.37 -36.50
CA LYS G 83 23.35 12.88 -37.72
C LYS G 83 23.99 11.74 -38.50
N ALA G 84 24.61 10.81 -37.79
CA ALA G 84 25.21 9.63 -38.39
C ALA G 84 24.13 8.78 -39.05
N PHE G 85 22.94 8.79 -38.46
CA PHE G 85 21.84 7.96 -38.91
C PHE G 85 21.24 8.50 -40.21
N PHE G 86 21.06 9.81 -40.27
CA PHE G 86 20.45 10.46 -41.42
C PHE G 86 21.37 10.50 -42.65
N ALA G 87 22.67 10.38 -42.44
CA ALA G 87 23.62 10.30 -43.55
C ALA G 87 23.98 8.87 -43.94
N ASP G 88 23.48 7.91 -43.17
CA ASP G 88 23.81 6.50 -43.39
C ASP G 88 25.32 6.30 -43.34
N ILE G 89 25.95 6.88 -42.32
CA ILE G 89 27.38 6.74 -42.11
C ILE G 89 27.69 5.31 -41.71
N SER G 90 28.78 4.75 -42.23
CA SER G 90 29.13 3.39 -41.91
C SER G 90 29.80 3.34 -40.54
N VAL G 91 29.80 2.17 -39.92
CA VAL G 91 30.48 1.97 -38.65
C VAL G 91 31.97 2.19 -38.82
N SER G 92 32.49 1.77 -39.97
CA SER G 92 33.89 1.94 -40.31
C SER G 92 34.30 3.42 -40.25
N GLN G 93 33.46 4.29 -40.81
CA GLN G 93 33.72 5.73 -40.79
C GLN G 93 33.75 6.30 -39.37
N VAL G 94 32.93 5.75 -38.49
CA VAL G 94 32.94 6.18 -37.08
C VAL G 94 34.27 5.80 -36.44
N LEU G 95 34.71 4.57 -36.68
CA LEU G 95 35.99 4.10 -36.16
C LEU G 95 37.17 4.92 -36.70
N GLU G 96 37.09 5.32 -37.96
CA GLU G 96 38.11 6.16 -38.58
C GLU G 96 38.16 7.54 -37.93
N ILE G 97 36.99 8.07 -37.57
CA ILE G 97 36.94 9.35 -36.87
C ILE G 97 37.62 9.21 -35.51
N HIS G 98 37.36 8.10 -34.82
CA HIS G 98 37.97 7.84 -33.53
C HIS G 98 39.48 7.68 -33.64
N VAL G 99 39.93 6.87 -34.59
CA VAL G 99 41.34 6.56 -34.75
C VAL G 99 42.16 7.80 -35.10
N GLU G 100 41.63 8.60 -36.02
CA GLU G 100 42.29 9.84 -36.41
C GLU G 100 42.40 10.80 -35.23
N LEU G 101 41.35 10.89 -34.42
CA LEU G 101 41.37 11.74 -33.23
C LEU G 101 42.41 11.25 -32.23
N MET G 102 42.52 9.93 -32.07
CA MET G 102 43.50 9.35 -31.16
C MET G 102 44.92 9.63 -31.66
N ASP G 103 45.07 9.70 -32.98
CA ASP G 103 46.36 10.07 -33.57
C ASP G 103 46.73 11.50 -33.21
N THR G 104 45.76 12.39 -33.31
CA THR G 104 45.93 13.79 -32.93
C THR G 104 46.32 13.93 -31.46
N PHE G 105 45.58 13.23 -30.60
CA PHE G 105 45.86 13.25 -29.17
C PHE G 105 47.27 12.74 -28.89
N SER G 106 47.73 11.79 -29.70
CA SER G 106 49.04 11.18 -29.51
C SER G 106 50.20 12.14 -29.82
N LYS G 107 50.06 12.89 -30.91
CA LYS G 107 51.12 13.81 -31.33
C LYS G 107 51.28 15.00 -30.38
N GLN G 108 50.20 15.38 -29.71
CA GLN G 108 50.26 16.50 -28.77
C GLN G 108 50.79 16.00 -27.43
N LEU G 109 50.53 14.73 -27.15
CA LEU G 109 51.02 14.10 -25.92
C LEU G 109 52.53 13.83 -25.99
N LYS G 110 53.06 13.66 -27.21
CA LYS G 110 54.49 13.40 -27.35
C LYS G 110 55.27 14.70 -27.14
N LEU G 111 54.65 15.82 -27.51
CA LEU G 111 55.25 17.13 -27.33
C LEU G 111 55.24 17.56 -25.86
N GLU G 112 54.52 16.81 -25.04
CA GLU G 112 54.46 17.10 -23.62
C GLU G 112 55.26 16.03 -22.86
N GLY G 113 55.56 14.95 -23.57
CA GLY G 113 56.35 13.86 -23.02
C GLY G 113 55.61 13.12 -21.91
N ARG G 114 54.31 12.92 -22.09
CA ARG G 114 53.51 12.18 -21.10
C ARG G 114 52.80 10.98 -21.71
N SER G 115 52.34 10.08 -20.83
CA SER G 115 51.73 8.82 -21.23
C SER G 115 50.44 8.95 -22.03
N GLU G 116 50.29 8.06 -23.01
CA GLU G 116 49.12 7.94 -23.87
C GLU G 116 48.11 6.93 -23.31
N ASP G 117 48.16 6.75 -21.99
CA ASP G 117 47.42 5.69 -21.32
C ASP G 117 45.93 6.05 -21.17
N ILE G 118 45.63 7.35 -21.06
CA ILE G 118 44.24 7.80 -20.96
C ILE G 118 43.48 7.53 -22.26
N LEU G 119 44.22 7.49 -23.37
CA LEU G 119 43.62 7.22 -24.67
C LEU G 119 42.91 5.87 -24.70
N LEU G 120 43.41 4.93 -23.90
CA LEU G 120 42.85 3.59 -23.85
C LEU G 120 41.42 3.56 -23.28
N ASP G 121 41.15 4.47 -22.36
CA ASP G 121 39.81 4.58 -21.77
C ASP G 121 38.81 5.16 -22.75
N TYR G 122 39.30 5.94 -23.71
CA TYR G 122 38.43 6.49 -24.76
C TYR G 122 37.86 5.39 -25.64
N ARG G 123 38.41 4.19 -25.54
CA ARG G 123 37.86 3.02 -26.22
C ARG G 123 36.43 2.75 -25.73
N LEU G 124 36.20 3.01 -24.45
CA LEU G 124 34.87 2.95 -23.87
C LEU G 124 33.93 3.94 -24.53
N THR G 125 34.43 5.15 -24.77
CA THR G 125 33.67 6.20 -25.45
C THR G 125 33.19 5.72 -26.83
N LEU G 126 34.08 5.07 -27.56
CA LEU G 126 33.78 4.55 -28.89
C LEU G 126 32.68 3.50 -28.85
N ILE G 127 32.78 2.60 -27.89
CA ILE G 127 31.81 1.53 -27.71
C ILE G 127 30.44 2.12 -27.40
N ASP G 128 30.45 3.18 -26.61
CA ASP G 128 29.24 3.92 -26.24
C ASP G 128 28.49 4.43 -27.48
N VAL G 129 29.21 5.09 -28.38
CA VAL G 129 28.62 5.69 -29.57
C VAL G 129 28.10 4.62 -30.52
N ILE G 130 28.94 3.61 -30.76
CA ILE G 130 28.60 2.51 -31.64
C ILE G 130 27.36 1.76 -31.12
N ALA G 131 27.29 1.59 -29.80
CA ALA G 131 26.13 0.98 -29.16
C ALA G 131 24.85 1.76 -29.43
N HIS G 132 24.88 3.06 -29.18
CA HIS G 132 23.74 3.93 -29.44
C HIS G 132 23.31 3.93 -30.90
N LEU G 133 24.28 4.04 -31.80
CA LEU G 133 23.97 4.06 -33.24
C LEU G 133 23.32 2.77 -33.70
N SER G 134 23.86 1.64 -33.24
CA SER G 134 23.32 0.34 -33.63
C SER G 134 21.91 0.11 -33.08
N GLU G 135 21.67 0.62 -31.88
CA GLU G 135 20.38 0.48 -31.23
C GLU G 135 19.29 1.24 -31.98
N MET G 136 19.66 2.38 -32.57
CA MET G 136 18.73 3.14 -33.40
C MET G 136 18.25 2.30 -34.59
N TYR G 137 19.19 1.61 -35.23
CA TYR G 137 18.85 0.73 -36.34
C TYR G 137 18.09 -0.50 -35.87
N ARG G 138 18.56 -1.11 -34.79
CA ARG G 138 17.98 -2.32 -34.25
C ARG G 138 16.54 -2.14 -33.73
N ARG G 139 16.20 -0.94 -33.30
CA ARG G 139 14.86 -0.69 -32.76
C ARG G 139 13.99 0.05 -33.78
N SER G 140 14.43 0.05 -35.03
CA SER G 140 13.69 0.73 -36.09
C SER G 140 12.48 -0.06 -36.58
N ILE G 141 11.41 0.67 -36.90
CA ILE G 141 10.24 0.06 -37.53
C ILE G 141 10.10 0.64 -38.93
N PRO G 142 10.53 -0.12 -39.94
CA PRO G 142 10.53 0.29 -41.35
C PRO G 142 9.13 0.57 -41.86
N ARG G 143 8.98 1.59 -42.71
CA ARG G 143 7.67 1.90 -43.32
C ARG G 143 6.63 2.22 -42.26
N ASN H 10 55.78 -0.35 -34.12
CA ASN H 10 55.00 -1.27 -34.93
C ASN H 10 53.76 -0.59 -35.48
N VAL H 11 53.05 -1.30 -36.36
CA VAL H 11 51.75 -0.83 -36.83
C VAL H 11 50.75 -0.99 -35.69
N ASP H 12 50.10 0.12 -35.33
CA ASP H 12 49.18 0.16 -34.20
C ASP H 12 48.01 -0.79 -34.46
N PRO H 13 47.75 -1.70 -33.49
CA PRO H 13 46.64 -2.66 -33.60
C PRO H 13 45.28 -2.00 -33.78
N GLN H 14 45.14 -0.75 -33.36
CA GLN H 14 43.92 0.01 -33.60
C GLN H 14 43.79 0.38 -35.08
N HIS H 15 44.91 0.71 -35.71
CA HIS H 15 44.92 1.02 -37.14
C HIS H 15 44.75 -0.21 -38.01
N ARG H 16 45.11 -1.37 -37.49
CA ARG H 16 45.07 -2.59 -38.28
C ARG H 16 43.74 -3.29 -38.03
N LEU H 17 43.01 -2.82 -37.02
CA LEU H 17 41.63 -3.20 -36.85
C LEU H 17 40.73 -2.40 -37.80
N SER H 18 41.06 -1.14 -38.00
CA SER H 18 40.22 -0.24 -38.79
C SER H 18 40.15 -0.55 -40.29
N GLN H 19 41.32 -0.74 -40.90
CA GLN H 19 41.43 -1.04 -42.32
C GLN H 19 40.87 -2.43 -42.58
N LYS H 20 41.03 -3.32 -41.60
CA LYS H 20 40.46 -4.66 -41.67
C LYS H 20 38.93 -4.57 -41.71
N LEU H 21 38.38 -3.66 -40.91
CA LEU H 21 36.93 -3.43 -40.92
C LEU H 21 36.47 -2.74 -42.20
N LYS H 22 37.29 -1.85 -42.73
CA LYS H 22 36.95 -1.14 -43.97
C LYS H 22 36.93 -2.09 -45.17
N GLU H 23 37.76 -3.13 -45.13
CA GLU H 23 37.84 -4.07 -46.25
C GLU H 23 36.59 -4.94 -46.32
N ARG H 24 36.02 -5.30 -45.17
CA ARG H 24 34.86 -6.20 -45.18
C ARG H 24 33.59 -5.35 -45.35
N LEU H 25 33.73 -4.21 -46.01
CA LEU H 25 32.61 -3.31 -46.24
C LEU H 25 31.97 -3.69 -47.56
N GLY H 26 32.82 -4.00 -48.54
CA GLY H 26 32.30 -4.35 -49.85
C GLY H 26 31.73 -5.76 -49.87
N TYR H 27 32.22 -6.61 -48.98
CA TYR H 27 31.81 -8.02 -48.90
C TYR H 27 30.47 -8.39 -48.23
N LEU H 28 29.85 -7.49 -47.46
CA LEU H 28 28.67 -7.89 -46.67
C LEU H 28 27.34 -8.03 -47.39
N GLY H 29 26.95 -7.06 -48.19
CA GLY H 29 25.64 -7.13 -48.83
C GLY H 29 24.94 -5.81 -48.60
N VAL H 30 23.93 -5.50 -49.41
CA VAL H 30 23.28 -4.20 -49.30
C VAL H 30 22.32 -4.13 -48.11
N TYR H 31 21.47 -5.13 -47.92
CA TYR H 31 20.69 -5.22 -46.69
C TYR H 31 20.12 -6.62 -46.47
N TYR H 32 19.88 -6.95 -45.21
CA TYR H 32 19.49 -8.31 -44.83
C TYR H 32 18.03 -8.31 -44.43
N LYS H 33 17.40 -9.48 -44.50
CA LYS H 33 16.02 -9.61 -44.07
C LYS H 33 15.98 -10.85 -43.19
N ARG H 34 15.58 -10.64 -41.95
CA ARG H 34 15.57 -11.68 -40.94
C ARG H 34 14.18 -12.20 -40.64
N ASP H 35 14.14 -13.39 -40.04
CA ASP H 35 12.88 -13.98 -39.63
C ASP H 35 12.74 -13.73 -38.13
N THR H 36 11.73 -12.94 -37.78
CA THR H 36 11.49 -12.52 -36.40
C THR H 36 11.18 -13.67 -35.47
N ALA H 37 10.66 -14.76 -36.03
CA ALA H 37 10.31 -15.95 -35.27
C ALA H 37 11.51 -16.55 -34.53
N PHE H 38 12.71 -16.27 -35.02
CA PHE H 38 13.93 -16.82 -34.44
C PHE H 38 14.64 -15.80 -33.56
N PHE H 39 13.96 -14.71 -33.23
CA PHE H 39 14.52 -13.73 -32.32
C PHE H 39 14.56 -14.22 -30.88
N PHE H 40 15.62 -13.80 -30.18
CA PHE H 40 15.83 -14.06 -28.76
C PHE H 40 14.55 -13.73 -27.98
N ARG H 41 13.91 -12.65 -28.40
CA ARG H 41 12.69 -12.12 -27.80
C ARG H 41 11.52 -13.10 -27.82
N ARG H 42 11.59 -14.08 -28.71
CA ARG H 42 10.48 -15.03 -28.89
C ARG H 42 10.79 -16.45 -28.43
N MET H 43 11.89 -16.61 -27.71
CA MET H 43 12.32 -17.95 -27.31
C MET H 43 11.78 -18.37 -25.95
N SER H 44 11.66 -19.68 -25.76
CA SER H 44 11.34 -20.24 -24.45
C SER H 44 12.47 -19.91 -23.48
N PRO H 45 12.18 -19.87 -22.17
CA PRO H 45 13.22 -19.57 -21.18
C PRO H 45 14.39 -20.53 -21.24
N ALA H 46 14.14 -21.74 -21.72
CA ALA H 46 15.18 -22.75 -21.86
C ALA H 46 16.04 -22.48 -23.10
N ASP H 47 15.38 -22.11 -24.19
CA ASP H 47 16.07 -21.83 -25.45
C ASP H 47 16.85 -20.52 -25.35
N LYS H 48 16.38 -19.62 -24.50
CA LYS H 48 17.08 -18.36 -24.24
C LYS H 48 18.45 -18.60 -23.60
N ARG H 49 18.48 -19.46 -22.59
CA ARG H 49 19.71 -19.74 -21.86
C ARG H 49 20.64 -20.63 -22.66
N LYS H 50 20.08 -21.39 -23.60
CA LYS H 50 20.90 -22.18 -24.49
C LYS H 50 21.65 -21.29 -25.48
N LEU H 51 20.97 -20.26 -25.97
CA LEU H 51 21.59 -19.30 -26.88
C LEU H 51 22.68 -18.47 -26.22
N LEU H 52 22.41 -17.97 -25.02
CA LEU H 52 23.37 -17.13 -24.32
C LEU H 52 24.64 -17.88 -23.94
N ASP H 53 24.50 -19.18 -23.64
CA ASP H 53 25.66 -20.00 -23.31
C ASP H 53 26.52 -20.33 -24.53
N GLU H 54 25.88 -20.50 -25.68
CA GLU H 54 26.64 -20.67 -26.92
C GLU H 54 27.43 -19.42 -27.25
N LEU H 55 26.78 -18.26 -27.12
CA LEU H 55 27.45 -16.97 -27.37
C LEU H 55 28.59 -16.73 -26.38
N ARG H 56 28.36 -17.02 -25.11
CA ARG H 56 29.42 -16.90 -24.10
C ARG H 56 30.59 -17.81 -24.44
N SER H 57 30.27 -19.05 -24.83
CA SER H 57 31.29 -20.03 -25.17
C SER H 57 32.11 -19.55 -26.37
N ILE H 58 31.43 -19.12 -27.42
CA ILE H 58 32.08 -18.61 -28.63
C ILE H 58 32.92 -17.37 -28.31
N TYR H 59 32.39 -16.46 -27.52
CA TYR H 59 33.09 -15.22 -27.20
C TYR H 59 34.36 -15.49 -26.39
N ARG H 60 34.30 -16.41 -25.43
CA ARG H 60 35.50 -16.76 -24.67
C ARG H 60 36.56 -17.31 -25.61
N THR H 61 36.10 -18.09 -26.59
CA THR H 61 36.98 -18.67 -27.60
C THR H 61 37.62 -17.58 -28.46
N ILE H 62 36.80 -16.60 -28.87
CA ILE H 62 37.31 -15.46 -29.62
C ILE H 62 38.38 -14.70 -28.85
N VAL H 63 38.08 -14.40 -27.59
CA VAL H 63 38.97 -13.62 -26.74
C VAL H 63 40.33 -14.31 -26.57
N LEU H 64 40.30 -15.61 -26.30
CA LEU H 64 41.51 -16.36 -26.04
C LEU H 64 42.32 -16.67 -27.31
N GLU H 65 41.68 -16.56 -28.47
CA GLU H 65 42.43 -16.75 -29.72
C GLU H 65 42.83 -15.43 -30.33
N TYR H 66 42.33 -14.34 -29.77
CA TYR H 66 42.58 -13.04 -30.36
C TYR H 66 44.08 -12.80 -30.28
N PHE H 67 44.60 -12.07 -31.26
CA PHE H 67 46.02 -11.76 -31.43
C PHE H 67 46.84 -12.97 -31.93
N ASN H 68 46.20 -14.13 -32.11
CA ASN H 68 46.93 -15.28 -32.62
C ASN H 68 46.66 -15.45 -34.13
N THR H 69 47.71 -15.34 -34.94
CA THR H 69 47.60 -15.47 -36.39
C THR H 69 47.20 -16.89 -36.84
N LYS H 72 42.62 -18.52 -36.93
CA LYS H 72 41.48 -17.96 -37.63
C LYS H 72 40.46 -17.36 -36.66
N VAL H 73 40.79 -16.20 -36.10
CA VAL H 73 39.91 -15.57 -35.13
C VAL H 73 38.69 -14.92 -35.82
N ASN H 74 38.89 -14.50 -37.07
CA ASN H 74 37.85 -13.80 -37.83
C ASN H 74 36.67 -14.67 -38.23
N GLU H 75 36.86 -15.99 -38.28
CA GLU H 75 35.79 -16.89 -38.69
C GLU H 75 34.87 -17.25 -37.54
N ARG H 76 35.40 -17.18 -36.32
CA ARG H 76 34.59 -17.30 -35.12
C ARG H 76 33.94 -15.98 -34.71
N ILE H 77 34.59 -14.87 -35.04
CA ILE H 77 33.98 -13.55 -34.86
C ILE H 77 32.70 -13.43 -35.67
N ASP H 78 32.74 -13.89 -36.91
CA ASP H 78 31.56 -13.82 -37.78
C ASP H 78 30.47 -14.81 -37.41
N GLU H 79 30.82 -15.97 -36.87
CA GLU H 79 29.78 -16.91 -36.47
C GLU H 79 29.10 -16.36 -35.22
N PHE H 80 29.88 -15.74 -34.33
CA PHE H 80 29.30 -15.03 -33.19
C PHE H 80 28.33 -13.95 -33.65
N VAL H 81 28.79 -13.07 -34.53
CA VAL H 81 28.01 -11.93 -34.97
C VAL H 81 26.74 -12.39 -35.69
N SER H 82 26.88 -13.41 -36.53
CA SER H 82 25.74 -13.94 -37.25
C SER H 82 24.69 -14.52 -36.31
N LYS H 83 25.15 -15.24 -35.29
CA LYS H 83 24.23 -15.80 -34.31
C LYS H 83 23.54 -14.73 -33.49
N ALA H 84 24.30 -13.71 -33.08
CA ALA H 84 23.74 -12.60 -32.33
C ALA H 84 22.75 -11.77 -33.16
N PHE H 85 23.04 -11.62 -34.45
CA PHE H 85 22.24 -10.75 -35.31
C PHE H 85 20.89 -11.35 -35.69
N PHE H 86 20.90 -12.61 -36.11
CA PHE H 86 19.67 -13.28 -36.54
C PHE H 86 18.78 -13.65 -35.35
N ALA H 87 19.37 -13.64 -34.16
CA ALA H 87 18.63 -13.78 -32.92
C ALA H 87 18.25 -12.41 -32.37
N ASP H 88 18.67 -11.36 -33.09
CA ASP H 88 18.45 -9.97 -32.71
C ASP H 88 19.00 -9.61 -31.32
N ILE H 89 20.21 -10.09 -31.04
CA ILE H 89 20.90 -9.73 -29.80
C ILE H 89 21.44 -8.30 -29.86
N SER H 90 21.29 -7.55 -28.77
CA SER H 90 21.76 -6.17 -28.73
C SER H 90 23.25 -6.07 -28.38
N VAL H 91 23.84 -4.91 -28.68
CA VAL H 91 25.21 -4.62 -28.32
C VAL H 91 25.36 -4.63 -26.79
N SER H 92 24.32 -4.16 -26.11
CA SER H 92 24.30 -4.15 -24.65
C SER H 92 24.49 -5.55 -24.08
N GLN H 93 23.78 -6.53 -24.66
CA GLN H 93 23.91 -7.91 -24.24
C GLN H 93 25.32 -8.46 -24.49
N VAL H 94 25.94 -8.02 -25.57
CA VAL H 94 27.31 -8.42 -25.90
C VAL H 94 28.31 -7.87 -24.88
N LEU H 95 28.12 -6.60 -24.52
CA LEU H 95 28.95 -5.97 -23.51
C LEU H 95 28.80 -6.67 -22.17
N GLU H 96 27.59 -7.13 -21.89
CA GLU H 96 27.31 -7.87 -20.65
C GLU H 96 28.09 -9.17 -20.63
N ILE H 97 28.17 -9.82 -21.78
CA ILE H 97 28.94 -11.05 -21.94
C ILE H 97 30.43 -10.79 -21.74
N HIS H 98 30.92 -9.69 -22.33
CA HIS H 98 32.33 -9.33 -22.21
C HIS H 98 32.70 -9.00 -20.77
N VAL H 99 31.86 -8.20 -20.11
CA VAL H 99 32.13 -7.75 -18.76
C VAL H 99 32.22 -8.94 -17.80
N GLU H 100 31.27 -9.86 -17.94
CA GLU H 100 31.26 -11.07 -17.13
C GLU H 100 32.51 -11.92 -17.34
N LEU H 101 32.95 -12.03 -18.60
CA LEU H 101 34.17 -12.78 -18.89
C LEU H 101 35.41 -12.11 -18.29
N MET H 102 35.47 -10.78 -18.37
CA MET H 102 36.59 -10.04 -17.81
C MET H 102 36.63 -10.08 -16.28
N ASP H 103 35.47 -10.09 -15.65
CA ASP H 103 35.39 -10.22 -14.20
C ASP H 103 35.93 -11.59 -13.77
N THR H 104 35.55 -12.62 -14.51
CA THR H 104 36.04 -13.98 -14.26
C THR H 104 37.56 -14.04 -14.37
N PHE H 105 38.09 -13.46 -15.45
CA PHE H 105 39.54 -13.37 -15.64
C PHE H 105 40.16 -12.60 -14.47
N SER H 106 39.42 -11.61 -13.99
CA SER H 106 39.90 -10.69 -12.96
C SER H 106 40.07 -11.34 -11.57
N LYS H 107 39.12 -12.17 -11.17
CA LYS H 107 39.17 -12.79 -9.85
C LYS H 107 40.35 -13.74 -9.74
N GLN H 108 40.77 -14.32 -10.85
CA GLN H 108 41.85 -15.29 -10.83
C GLN H 108 43.21 -14.60 -10.88
N LEU H 109 43.27 -13.43 -11.51
CA LEU H 109 44.52 -12.69 -11.58
C LEU H 109 44.86 -12.08 -10.22
N LYS H 110 43.83 -11.83 -9.43
CA LYS H 110 44.02 -11.29 -8.09
C LYS H 110 44.49 -12.40 -7.14
N LEU H 111 44.05 -13.63 -7.40
CA LEU H 111 44.48 -14.79 -6.63
C LEU H 111 45.92 -15.18 -6.96
N GLU H 112 46.46 -14.63 -8.03
CA GLU H 112 47.84 -14.91 -8.42
C GLU H 112 48.76 -13.71 -8.19
N GLY H 113 48.17 -12.57 -7.87
CA GLY H 113 48.93 -11.35 -7.63
C GLY H 113 49.54 -10.71 -8.87
N ARG H 114 48.76 -10.66 -9.94
CA ARG H 114 49.19 -9.96 -11.14
C ARG H 114 48.23 -8.84 -11.51
N SER H 115 48.73 -7.91 -12.32
CA SER H 115 47.97 -6.75 -12.75
C SER H 115 46.82 -7.20 -13.65
N GLU H 116 45.69 -6.52 -13.53
CA GLU H 116 44.54 -6.81 -14.37
C GLU H 116 44.60 -5.95 -15.63
N ASP H 117 45.81 -5.52 -15.99
CA ASP H 117 46.00 -4.52 -17.04
C ASP H 117 45.99 -5.17 -18.43
N ILE H 118 46.39 -6.44 -18.53
CA ILE H 118 46.39 -7.13 -19.80
C ILE H 118 44.96 -7.28 -20.35
N LEU H 119 44.00 -7.27 -19.44
CA LEU H 119 42.58 -7.33 -19.76
C LEU H 119 42.12 -6.14 -20.63
N LEU H 120 42.79 -5.01 -20.49
CA LEU H 120 42.43 -3.79 -21.22
C LEU H 120 42.59 -3.95 -22.72
N ASP H 121 43.49 -4.84 -23.12
CA ASP H 121 43.77 -5.09 -24.52
C ASP H 121 42.57 -5.74 -25.20
N TYR H 122 41.78 -6.47 -24.42
CA TYR H 122 40.55 -7.11 -24.90
C TYR H 122 39.43 -6.12 -25.25
N ARG H 123 39.57 -4.87 -24.84
CA ARG H 123 38.64 -3.83 -25.25
C ARG H 123 38.67 -3.68 -26.77
N LEU H 124 39.86 -3.87 -27.35
CA LEU H 124 40.02 -3.93 -28.79
C LEU H 124 39.22 -5.09 -29.39
N THR H 125 39.30 -6.25 -28.75
CA THR H 125 38.54 -7.42 -29.16
C THR H 125 37.04 -7.16 -29.16
N LEU H 126 36.56 -6.52 -28.09
CA LEU H 126 35.15 -6.21 -27.95
C LEU H 126 34.69 -5.27 -29.06
N ILE H 127 35.51 -4.26 -29.36
CA ILE H 127 35.20 -3.30 -30.41
C ILE H 127 35.13 -4.02 -31.75
N ASP H 128 35.99 -5.00 -31.94
CA ASP H 128 35.99 -5.83 -33.15
C ASP H 128 34.62 -6.48 -33.36
N VAL H 129 34.07 -7.09 -32.31
CA VAL H 129 32.81 -7.80 -32.41
C VAL H 129 31.60 -6.89 -32.59
N ILE H 130 31.47 -5.88 -31.73
CA ILE H 130 30.35 -4.95 -31.78
C ILE H 130 30.34 -4.14 -33.09
N ALA H 131 31.52 -3.80 -33.60
CA ALA H 131 31.64 -3.12 -34.88
C ALA H 131 30.99 -3.94 -36.00
N HIS H 132 31.35 -5.21 -36.08
CA HIS H 132 30.75 -6.12 -37.06
C HIS H 132 29.24 -6.19 -36.88
N LEU H 133 28.82 -6.37 -35.63
CA LEU H 133 27.40 -6.51 -35.30
C LEU H 133 26.62 -5.25 -35.63
N SER H 134 27.18 -4.09 -35.31
CA SER H 134 26.51 -2.82 -35.57
C SER H 134 26.37 -2.55 -37.06
N GLU H 135 27.36 -2.96 -37.84
CA GLU H 135 27.27 -2.80 -39.29
C GLU H 135 26.17 -3.67 -39.87
N MET H 136 25.99 -4.86 -39.29
CA MET H 136 24.91 -5.75 -39.68
C MET H 136 23.55 -5.09 -39.42
N TYR H 137 23.43 -4.43 -38.27
CA TYR H 137 22.21 -3.70 -37.93
C TYR H 137 21.99 -2.51 -38.87
N ARG H 138 23.08 -1.84 -39.25
CA ARG H 138 22.97 -0.71 -40.19
C ARG H 138 22.36 -1.21 -41.50
N ARG H 139 22.52 -2.51 -41.77
CA ARG H 139 21.98 -3.11 -42.97
C ARG H 139 20.74 -3.96 -42.67
N SER H 140 20.20 -3.82 -41.46
CA SER H 140 19.00 -4.55 -41.04
C SER H 140 17.70 -3.90 -41.52
N ILE H 141 17.79 -2.67 -42.02
CA ILE H 141 16.63 -1.97 -42.56
C ILE H 141 16.82 -1.82 -44.07
N PRO H 142 15.73 -1.61 -44.82
CA PRO H 142 15.93 -1.55 -46.28
C PRO H 142 16.85 -0.40 -46.69
N ARG H 143 17.73 -0.64 -47.66
CA ARG H 143 18.59 0.42 -48.17
C ARG H 143 18.63 0.35 -49.69
N GLU H 144 19.32 1.33 -50.27
CA GLU H 144 19.62 1.44 -51.71
C GLU H 144 19.38 0.18 -52.53
#